data_9LD4
#
_entry.id   9LD4
#
_cell.length_a   121.780
_cell.length_b   234.650
_cell.length_c   74.580
_cell.angle_alpha   90.00
_cell.angle_beta   90.00
_cell.angle_gamma   90.00
#
_symmetry.space_group_name_H-M   'C 2 2 21'
#
_entity_poly.entity_id   1
_entity_poly.type   'polypeptide(L)'
_entity_poly.pdbx_seq_one_letter_code
;MKPERKRVSKLMAYILRHSPEEFGLRPDVEGFVSLNELVNALKTVYPEVTEEFVREIVENDPKGRYEIRGDRIRARYGHS
FPVSLDHEEDTESRFLYHGTPRRNLPSILKEGLKPMKRQYVHVSTDKIEALETGRRHGREVVLLVIDAECLRKRGFKIYK
AGKNVRIVERVPPDCITLAV
;
_entity_poly.pdbx_strand_id   A,B,C,D
#
# COMPACT_ATOMS: atom_id res chain seq x y z
N PRO A 3 -25.70 60.48 12.60
CA PRO A 3 -25.35 59.13 12.16
C PRO A 3 -26.40 58.52 11.24
N GLU A 4 -25.96 57.89 10.15
CA GLU A 4 -26.85 57.27 9.18
C GLU A 4 -26.91 55.76 9.40
N ARG A 5 -28.11 55.19 9.24
CA ARG A 5 -28.33 53.77 9.49
C ARG A 5 -27.75 52.89 8.39
N LYS A 6 -27.95 53.26 7.13
CA LYS A 6 -27.66 52.34 6.03
C LYS A 6 -26.17 52.05 5.89
N ARG A 7 -25.32 53.08 5.99
CA ARG A 7 -23.89 52.86 5.89
C ARG A 7 -23.38 52.00 7.04
N VAL A 8 -23.88 52.25 8.25
CA VAL A 8 -23.47 51.46 9.41
C VAL A 8 -23.93 50.01 9.24
N SER A 9 -25.12 49.82 8.64
CA SER A 9 -25.60 48.46 8.39
C SER A 9 -24.72 47.74 7.38
N LYS A 10 -24.27 48.45 6.34
CA LYS A 10 -23.38 47.82 5.37
C LYS A 10 -22.04 47.48 6.01
N LEU A 11 -21.54 48.35 6.88
CA LEU A 11 -20.29 48.04 7.60
C LEU A 11 -20.48 46.85 8.55
N MET A 12 -21.63 46.78 9.21
CA MET A 12 -21.93 45.64 10.08
C MET A 12 -21.94 44.34 9.29
N ALA A 13 -22.58 44.35 8.12
CA ALA A 13 -22.61 43.16 7.27
C ALA A 13 -21.21 42.77 6.84
N TYR A 14 -20.41 43.74 6.40
CA TYR A 14 -19.05 43.44 5.98
C TYR A 14 -18.22 42.86 7.12
N ILE A 15 -18.40 43.38 8.34
CA ILE A 15 -17.60 42.91 9.46
C ILE A 15 -18.04 41.51 9.89
N LEU A 16 -19.33 41.33 10.15
CA LEU A 16 -19.85 40.07 10.69
C LEU A 16 -19.92 38.95 9.66
N ARG A 17 -19.80 39.24 8.37
CA ARG A 17 -19.93 38.22 7.34
C ARG A 17 -18.60 37.72 6.81
N HIS A 18 -17.68 38.64 6.50
CA HIS A 18 -16.49 38.29 5.74
C HIS A 18 -15.21 38.39 6.57
N SER A 19 -14.83 39.57 7.03
CA SER A 19 -13.54 39.80 7.69
C SER A 19 -13.77 40.38 9.08
N PRO A 20 -14.08 39.53 10.08
CA PRO A 20 -14.15 40.03 11.46
C PRO A 20 -12.80 40.08 12.13
N GLU A 21 -11.82 39.29 11.67
CA GLU A 21 -10.49 39.30 12.25
C GLU A 21 -9.79 40.64 12.00
N GLU A 22 -10.18 41.37 10.96
CA GLU A 22 -9.57 42.64 10.65
C GLU A 22 -9.86 43.70 11.72
N PHE A 23 -10.92 43.53 12.49
CA PHE A 23 -11.27 44.47 13.56
C PHE A 23 -10.97 43.93 14.95
N GLY A 24 -10.10 42.93 15.04
CA GLY A 24 -9.78 42.34 16.34
C GLY A 24 -10.98 41.67 16.98
N LEU A 25 -11.79 40.98 16.18
CA LEU A 25 -13.00 40.33 16.65
C LEU A 25 -12.88 38.83 16.37
N ARG A 26 -12.75 38.04 17.45
CA ARG A 26 -12.69 36.59 17.31
C ARG A 26 -14.09 36.01 17.47
N PRO A 27 -14.72 35.56 16.38
CA PRO A 27 -16.08 35.01 16.50
C PRO A 27 -16.05 33.59 17.02
N ASP A 28 -17.18 33.17 17.58
CA ASP A 28 -17.26 31.82 18.15
C ASP A 28 -17.74 30.82 17.11
N VAL A 29 -18.09 29.62 17.57
CA VAL A 29 -18.46 28.53 16.66
C VAL A 29 -19.73 28.87 15.91
N GLU A 30 -20.65 29.60 16.53
CA GLU A 30 -21.90 29.98 15.90
C GLU A 30 -21.79 31.26 15.09
N GLY A 31 -20.71 32.01 15.23
CA GLY A 31 -20.52 33.25 14.51
C GLY A 31 -20.78 34.50 15.31
N PHE A 32 -21.13 34.38 16.59
CA PHE A 32 -21.41 35.53 17.43
C PHE A 32 -20.12 36.20 17.89
N VAL A 33 -20.22 37.52 18.09
CA VAL A 33 -19.16 38.31 18.72
C VAL A 33 -19.79 39.13 19.82
N SER A 34 -18.94 39.67 20.69
CA SER A 34 -19.44 40.51 21.77
C SER A 34 -20.05 41.78 21.20
N LEU A 35 -21.28 42.08 21.62
CA LEU A 35 -21.98 43.27 21.10
C LEU A 35 -21.22 44.55 21.47
N ASN A 36 -20.68 44.61 22.69
CA ASN A 36 -19.88 45.75 23.08
C ASN A 36 -18.63 45.86 22.22
N GLU A 37 -18.00 44.73 21.91
CA GLU A 37 -16.82 44.74 21.05
C GLU A 37 -17.17 45.16 19.63
N LEU A 38 -18.35 44.77 19.15
CA LEU A 38 -18.79 45.23 17.83
C LEU A 38 -19.04 46.73 17.82
N VAL A 39 -19.62 47.27 18.91
CA VAL A 39 -19.83 48.71 19.00
C VAL A 39 -18.49 49.44 19.01
N ASN A 40 -17.52 48.91 19.75
CA ASN A 40 -16.20 49.52 19.78
C ASN A 40 -15.55 49.50 18.39
N ALA A 41 -15.70 48.39 17.66
CA ALA A 41 -15.14 48.31 16.32
C ALA A 41 -15.85 49.26 15.36
N LEU A 42 -17.17 49.40 15.48
CA LEU A 42 -17.91 50.31 14.62
C LEU A 42 -17.60 51.78 14.94
N LYS A 43 -17.24 52.08 16.18
CA LYS A 43 -16.90 53.46 16.52
C LYS A 43 -15.61 53.91 15.87
N THR A 44 -14.69 52.97 15.57
CA THR A 44 -13.44 53.32 14.90
C THR A 44 -13.65 53.86 13.49
N VAL A 45 -14.84 53.68 12.91
CA VAL A 45 -15.17 54.24 11.61
C VAL A 45 -16.24 55.31 11.71
N TYR A 46 -17.29 55.05 12.49
CA TYR A 46 -18.36 56.00 12.73
C TYR A 46 -18.49 56.26 14.22
N PRO A 47 -17.89 57.33 14.74
CA PRO A 47 -17.90 57.55 16.19
C PRO A 47 -19.29 57.79 16.76
N GLU A 48 -20.24 58.25 15.95
CA GLU A 48 -21.59 58.54 16.40
C GLU A 48 -22.46 57.29 16.57
N VAL A 49 -21.86 56.11 16.62
CA VAL A 49 -22.58 54.85 16.72
C VAL A 49 -22.58 54.37 18.17
N THR A 50 -23.75 54.05 18.68
CA THR A 50 -23.93 53.48 20.01
C THR A 50 -24.62 52.12 19.91
N GLU A 51 -24.67 51.43 21.04
CA GLU A 51 -25.27 50.10 21.06
C GLU A 51 -26.76 50.14 20.76
N GLU A 52 -27.46 51.20 21.20
CA GLU A 52 -28.88 51.32 20.89
C GLU A 52 -29.11 51.45 19.39
N PHE A 53 -28.20 52.15 18.70
CA PHE A 53 -28.30 52.30 17.25
C PHE A 53 -28.11 50.94 16.56
N VAL A 54 -27.16 50.14 17.05
CA VAL A 54 -26.95 48.81 16.49
C VAL A 54 -28.17 47.94 16.72
N ARG A 55 -28.78 48.03 17.90
CA ARG A 55 -29.98 47.25 18.18
C ARG A 55 -31.14 47.69 17.28
N GLU A 56 -31.26 48.99 17.04
CA GLU A 56 -32.28 49.47 16.10
C GLU A 56 -32.05 48.90 14.70
N ILE A 57 -30.79 48.89 14.25
CA ILE A 57 -30.47 48.35 12.93
C ILE A 57 -30.82 46.87 12.86
N VAL A 58 -30.51 46.12 13.92
CA VAL A 58 -30.78 44.69 13.94
C VAL A 58 -32.29 44.45 13.94
N GLU A 59 -33.05 45.26 14.68
CA GLU A 59 -34.48 45.03 14.82
C GLU A 59 -35.23 45.41 13.55
N ASN A 60 -34.80 46.47 12.87
CA ASN A 60 -35.52 46.98 11.71
C ASN A 60 -34.91 46.53 10.38
N ASP A 61 -34.01 45.55 10.40
CA ASP A 61 -33.44 45.07 9.14
C ASP A 61 -34.50 44.33 8.35
N PRO A 62 -34.75 44.71 7.09
CA PRO A 62 -35.84 44.06 6.34
C PRO A 62 -35.54 42.64 5.90
N LYS A 63 -34.27 42.27 5.74
CA LYS A 63 -33.92 40.92 5.32
C LYS A 63 -33.40 40.06 6.47
N GLY A 64 -33.50 40.54 7.70
CA GLY A 64 -33.07 39.78 8.86
C GLY A 64 -31.62 39.35 8.78
N ARG A 65 -30.73 40.30 8.53
CA ARG A 65 -29.31 39.97 8.37
C ARG A 65 -28.62 39.69 9.70
N TYR A 66 -29.19 40.14 10.83
CA TYR A 66 -28.49 40.10 12.10
C TYR A 66 -29.35 39.42 13.15
N GLU A 67 -28.67 38.91 14.18
CA GLU A 67 -29.32 38.25 15.30
C GLU A 67 -28.54 38.55 16.57
N ILE A 68 -29.24 38.79 17.67
CA ILE A 68 -28.63 39.13 18.95
C ILE A 68 -29.13 38.14 20.00
N ARG A 69 -28.19 37.54 20.72
CA ARG A 69 -28.49 36.70 21.88
C ARG A 69 -27.77 37.31 23.07
N GLY A 70 -28.54 37.93 23.97
CA GLY A 70 -27.98 38.56 25.15
C GLY A 70 -26.99 39.67 24.83
N ASP A 71 -25.70 39.37 25.01
CA ASP A 71 -24.63 40.33 24.75
C ASP A 71 -23.81 39.94 23.52
N ARG A 72 -24.32 39.02 22.70
CA ARG A 72 -23.62 38.56 21.51
C ARG A 72 -24.46 38.85 20.27
N ILE A 73 -23.78 39.08 19.15
CA ILE A 73 -24.43 39.46 17.90
C ILE A 73 -23.72 38.77 16.75
N ARG A 74 -24.50 38.31 15.76
CA ARG A 74 -23.93 37.65 14.60
C ARG A 74 -24.75 37.98 13.37
N ALA A 75 -24.16 37.70 12.21
CA ALA A 75 -24.90 37.68 10.96
C ALA A 75 -25.57 36.33 10.78
N ARG A 76 -26.72 36.34 10.11
CA ARG A 76 -27.50 35.11 9.95
C ARG A 76 -27.17 34.35 8.67
N TYR A 77 -26.50 34.99 7.71
CA TYR A 77 -26.13 34.33 6.46
C TYR A 77 -25.08 35.17 5.75
N GLY A 78 -24.58 34.64 4.64
CA GLY A 78 -23.62 35.37 3.84
C GLY A 78 -22.21 35.36 4.36
N HIS A 79 -21.83 34.36 5.16
CA HIS A 79 -20.51 34.32 5.75
C HIS A 79 -19.48 33.85 4.73
N SER A 80 -18.30 34.48 4.77
CA SER A 80 -17.18 34.05 3.96
C SER A 80 -16.29 33.04 4.68
N PHE A 81 -16.44 32.89 5.99
CA PHE A 81 -15.69 31.94 6.79
C PHE A 81 -16.66 30.95 7.44
N PRO A 82 -16.20 29.74 7.74
CA PRO A 82 -17.12 28.71 8.26
C PRO A 82 -17.71 29.11 9.61
N VAL A 83 -19.03 29.00 9.72
CA VAL A 83 -19.77 29.23 10.95
C VAL A 83 -20.77 28.10 11.10
N SER A 84 -20.97 27.66 12.34
CA SER A 84 -21.91 26.56 12.63
C SER A 84 -23.20 27.16 13.16
N LEU A 85 -24.08 27.55 12.23
CA LEU A 85 -25.39 28.04 12.63
C LEU A 85 -26.20 26.90 13.23
N ASP A 86 -27.18 27.27 14.05
CA ASP A 86 -28.02 26.31 14.75
C ASP A 86 -27.21 25.43 15.70
N HIS A 87 -25.90 25.70 15.81
CA HIS A 87 -25.00 24.94 16.67
C HIS A 87 -25.12 23.44 16.42
N GLU A 88 -25.40 23.05 15.18
CA GLU A 88 -25.67 21.65 14.88
C GLU A 88 -24.40 20.83 15.07
N GLU A 89 -24.49 19.79 15.90
CA GLU A 89 -23.36 18.94 16.26
C GLU A 89 -23.28 17.71 15.37
N ASP A 90 -22.06 17.18 15.22
CA ASP A 90 -21.78 16.04 14.36
C ASP A 90 -21.43 14.81 15.19
N THR A 91 -22.30 13.80 15.15
CA THR A 91 -22.04 12.55 15.86
C THR A 91 -21.80 11.35 14.94
N GLU A 92 -22.23 11.42 13.67
CA GLU A 92 -22.13 10.29 12.76
C GLU A 92 -20.82 10.27 11.98
N SER A 93 -19.78 10.93 12.47
CA SER A 93 -18.47 10.96 11.81
C SER A 93 -17.48 10.17 12.64
N ARG A 94 -16.70 9.31 11.98
CA ARG A 94 -15.67 8.53 12.65
C ARG A 94 -14.26 8.98 12.32
N PHE A 95 -14.07 9.68 11.20
CA PHE A 95 -12.75 10.16 10.81
C PHE A 95 -12.87 11.52 10.17
N LEU A 96 -12.02 12.44 10.59
CA LEU A 96 -11.91 13.76 10.00
C LEU A 96 -10.51 13.90 9.39
N TYR A 97 -10.33 14.94 8.58
CA TYR A 97 -9.08 15.10 7.86
C TYR A 97 -8.65 16.56 7.91
N HIS A 98 -7.34 16.78 7.87
CA HIS A 98 -6.80 18.13 7.91
C HIS A 98 -5.51 18.20 7.10
N GLY A 99 -5.42 19.19 6.22
CA GLY A 99 -4.21 19.39 5.42
C GLY A 99 -3.30 20.39 6.08
N THR A 100 -2.00 20.05 6.13
CA THR A 100 -1.04 20.94 6.79
C THR A 100 0.30 20.89 6.10
N PRO A 101 1.03 22.01 6.03
CA PRO A 101 2.38 21.97 5.46
C PRO A 101 3.32 21.11 6.29
N ARG A 102 4.35 20.60 5.63
CA ARG A 102 5.28 19.69 6.30
C ARG A 102 6.15 20.40 7.34
N ARG A 103 6.32 21.72 7.22
CA ARG A 103 7.13 22.45 8.19
C ARG A 103 6.51 22.37 9.58
N ASN A 104 5.18 22.44 9.67
CA ASN A 104 4.50 22.36 10.96
C ASN A 104 4.26 20.92 11.39
N LEU A 105 4.67 19.93 10.60
CA LEU A 105 4.35 18.54 10.93
C LEU A 105 4.89 18.12 12.29
N PRO A 106 6.17 18.31 12.62
CA PRO A 106 6.63 17.86 13.94
C PRO A 106 5.97 18.62 15.08
N SER A 107 5.75 19.92 14.91
CA SER A 107 5.10 20.71 15.95
C SER A 107 3.70 20.20 16.22
N ILE A 108 2.92 19.95 15.17
CA ILE A 108 1.57 19.43 15.33
C ILE A 108 1.60 18.06 15.99
N LEU A 109 2.39 17.13 15.42
CA LEU A 109 2.49 15.80 16.01
C LEU A 109 2.93 15.83 17.46
N LYS A 110 3.63 16.88 17.90
CA LYS A 110 4.05 16.99 19.29
C LYS A 110 2.98 17.61 20.18
N GLU A 111 2.23 18.59 19.66
CA GLU A 111 1.27 19.30 20.49
C GLU A 111 -0.15 19.32 19.94
N GLY A 112 -0.41 18.73 18.78
CA GLY A 112 -1.75 18.68 18.25
C GLY A 112 -2.16 20.01 17.63
N LEU A 113 -3.39 20.04 17.13
CA LEU A 113 -3.93 21.25 16.53
C LEU A 113 -4.50 22.16 17.60
N LYS A 114 -4.08 23.42 17.58
CA LYS A 114 -4.40 24.46 18.53
C LYS A 114 -5.25 25.53 17.84
N PRO A 115 -6.12 26.23 18.58
CA PRO A 115 -7.01 27.21 17.93
C PRO A 115 -6.29 28.45 17.41
N MET A 116 -5.27 28.94 18.11
CA MET A 116 -4.43 30.03 17.63
C MET A 116 -5.30 31.28 17.42
N LYS A 117 -5.27 31.91 16.24
CA LYS A 117 -6.03 33.15 16.01
C LYS A 117 -7.47 33.05 16.49
N ARG A 118 -8.26 32.18 15.88
CA ARG A 118 -9.65 32.01 16.27
C ARG A 118 -9.76 31.04 17.44
N GLN A 119 -10.93 31.04 18.08
CA GLN A 119 -11.16 30.11 19.19
C GLN A 119 -11.27 28.65 18.73
N TYR A 120 -11.46 28.39 17.44
CA TYR A 120 -11.71 27.03 16.99
C TYR A 120 -10.71 26.64 15.90
N VAL A 121 -10.84 25.39 15.44
CA VAL A 121 -9.96 24.75 14.49
C VAL A 121 -10.82 24.10 13.41
N HIS A 122 -10.47 24.34 12.15
CA HIS A 122 -11.22 23.83 11.01
C HIS A 122 -10.65 22.49 10.57
N VAL A 123 -11.53 21.51 10.37
CA VAL A 123 -11.20 20.22 9.80
C VAL A 123 -12.27 19.87 8.77
N SER A 124 -12.08 18.77 8.07
CA SER A 124 -13.01 18.40 7.02
C SER A 124 -13.33 16.91 7.10
N THR A 125 -14.54 16.57 6.68
CA THR A 125 -14.95 15.18 6.56
C THR A 125 -14.53 14.59 5.22
N ASP A 126 -13.90 15.38 4.35
CA ASP A 126 -13.46 14.93 3.04
C ASP A 126 -11.94 15.11 2.93
N LYS A 127 -11.30 14.18 2.22
CA LYS A 127 -9.86 14.24 2.04
C LYS A 127 -9.48 15.33 1.04
N ILE A 128 -10.21 15.42 -0.07
CA ILE A 128 -9.89 16.41 -1.10
C ILE A 128 -9.96 17.82 -0.54
N GLU A 129 -11.00 18.10 0.26
CA GLU A 129 -11.17 19.44 0.82
C GLU A 129 -10.03 19.80 1.76
N ALA A 130 -9.65 18.86 2.64
CA ALA A 130 -8.57 19.14 3.58
C ALA A 130 -7.24 19.32 2.85
N LEU A 131 -6.98 18.51 1.83
CA LEU A 131 -5.73 18.63 1.09
C LEU A 131 -5.67 19.95 0.32
N GLU A 132 -6.77 20.39 -0.28
CA GLU A 132 -6.72 21.66 -1.00
C GLU A 132 -6.61 22.85 -0.03
N THR A 133 -7.29 22.76 1.11
CA THR A 133 -7.20 23.82 2.11
C THR A 133 -5.78 23.93 2.65
N GLY A 134 -5.11 22.79 2.83
CA GLY A 134 -3.72 22.83 3.25
C GLY A 134 -2.79 23.25 2.13
N ARG A 135 -3.16 22.97 0.88
CA ARG A 135 -2.36 23.42 -0.25
C ARG A 135 -2.43 24.92 -0.42
N ARG A 136 -3.47 25.57 0.12
CA ARG A 136 -3.48 27.03 0.08
C ARG A 136 -2.50 27.66 1.06
N HIS A 137 -2.09 26.94 2.10
CA HIS A 137 -1.16 27.48 3.10
C HIS A 137 0.28 27.08 2.83
N GLY A 138 0.65 26.91 1.57
CA GLY A 138 1.99 26.52 1.18
C GLY A 138 1.98 25.14 0.53
N ARG A 139 3.18 24.69 0.16
CA ARG A 139 3.35 23.39 -0.46
C ARG A 139 3.90 22.39 0.57
N GLU A 140 4.27 21.20 0.10
CA GLU A 140 4.68 20.11 0.97
C GLU A 140 3.58 19.80 1.99
N VAL A 141 2.38 19.54 1.47
CA VAL A 141 1.19 19.36 2.29
C VAL A 141 0.98 17.88 2.60
N VAL A 142 0.75 17.58 3.88
CA VAL A 142 0.44 16.24 4.33
C VAL A 142 -0.96 16.23 4.92
N LEU A 143 -1.54 15.04 4.95
CA LEU A 143 -2.91 14.82 5.39
C LEU A 143 -2.88 14.14 6.76
N LEU A 144 -3.41 14.85 7.77
CA LEU A 144 -3.58 14.30 9.10
C LEU A 144 -4.97 13.68 9.18
N VAL A 145 -5.01 12.39 9.51
CA VAL A 145 -6.26 11.70 9.77
C VAL A 145 -6.54 11.78 11.27
N ILE A 146 -7.75 12.16 11.63
CA ILE A 146 -8.12 12.42 13.01
C ILE A 146 -9.27 11.49 13.38
N ASP A 147 -9.13 10.79 14.50
CA ASP A 147 -10.21 9.95 15.00
C ASP A 147 -11.25 10.85 15.65
N ALA A 148 -12.49 10.79 15.15
CA ALA A 148 -13.52 11.68 15.65
C ALA A 148 -14.01 11.24 17.02
N GLU A 149 -14.17 9.93 17.22
CA GLU A 149 -14.61 9.44 18.52
C GLU A 149 -13.56 9.72 19.58
N CYS A 150 -12.28 9.83 19.18
CA CYS A 150 -11.26 10.23 20.17
C CYS A 150 -11.63 11.63 20.65
N LEU A 151 -11.87 12.55 19.69
CA LEU A 151 -12.22 13.92 20.06
C LEU A 151 -13.45 13.96 20.95
N ARG A 152 -14.47 13.17 20.62
CA ARG A 152 -15.72 13.19 21.38
C ARG A 152 -15.52 12.62 22.79
N LYS A 153 -14.83 11.48 22.89
CA LYS A 153 -14.56 10.88 24.19
C LYS A 153 -13.59 11.70 25.03
N ARG A 154 -12.75 12.51 24.39
CA ARG A 154 -11.83 13.38 25.13
C ARG A 154 -12.50 14.68 25.55
N GLY A 155 -13.76 14.87 25.19
CA GLY A 155 -14.52 16.04 25.60
C GLY A 155 -14.59 17.16 24.58
N PHE A 156 -14.51 16.86 23.29
CA PHE A 156 -14.57 17.87 22.24
C PHE A 156 -15.70 17.50 21.27
N LYS A 157 -16.71 18.36 21.18
CA LYS A 157 -17.84 18.12 20.29
C LYS A 157 -17.57 18.72 18.92
N ILE A 158 -17.86 17.94 17.89
CA ILE A 158 -17.63 18.36 16.50
C ILE A 158 -18.91 18.98 15.95
N TYR A 159 -18.78 20.18 15.38
CA TYR A 159 -19.92 20.94 14.87
C TYR A 159 -19.83 21.09 13.36
N LYS A 160 -20.99 21.12 12.72
CA LYS A 160 -21.08 21.27 11.27
C LYS A 160 -21.11 22.75 10.92
N ALA A 161 -20.12 23.21 10.16
CA ALA A 161 -20.06 24.60 9.71
C ALA A 161 -20.45 24.76 8.25
N GLY A 162 -20.07 23.81 7.39
CA GLY A 162 -20.46 23.78 6.00
C GLY A 162 -21.04 22.42 5.66
N LYS A 163 -20.94 22.05 4.38
CA LYS A 163 -21.38 20.72 3.98
C LYS A 163 -20.42 19.67 4.50
N ASN A 164 -19.13 19.78 4.13
CA ASN A 164 -18.10 18.88 4.61
C ASN A 164 -17.10 19.59 5.52
N VAL A 165 -17.50 20.71 6.12
CA VAL A 165 -16.63 21.50 6.99
C VAL A 165 -17.04 21.22 8.44
N ARG A 166 -16.06 20.98 9.29
CA ARG A 166 -16.31 20.82 10.72
C ARG A 166 -15.36 21.72 11.49
N ILE A 167 -15.75 22.08 12.71
CA ILE A 167 -14.93 22.93 13.56
C ILE A 167 -14.97 22.38 14.98
N VAL A 168 -13.79 22.26 15.60
CA VAL A 168 -13.66 21.81 16.97
C VAL A 168 -12.85 22.84 17.74
N GLU A 169 -12.71 22.64 19.05
CA GLU A 169 -11.88 23.55 19.82
C GLU A 169 -10.41 23.22 19.63
N ARG A 170 -10.01 22.01 20.01
CA ARG A 170 -8.62 21.57 19.87
C ARG A 170 -8.61 20.16 19.31
N VAL A 171 -7.44 19.77 18.81
CA VAL A 171 -7.23 18.38 18.40
C VAL A 171 -5.98 17.88 19.12
N PRO A 172 -6.13 17.06 20.16
CA PRO A 172 -4.96 16.56 20.89
C PRO A 172 -4.14 15.64 20.00
N PRO A 173 -2.85 15.49 20.29
CA PRO A 173 -2.03 14.59 19.49
C PRO A 173 -2.48 13.14 19.57
N ASP A 174 -3.21 12.77 20.63
CA ASP A 174 -3.65 11.39 20.79
C ASP A 174 -4.72 11.01 19.78
N CYS A 175 -5.37 12.02 19.20
CA CYS A 175 -6.48 11.74 18.26
C CYS A 175 -5.94 11.72 16.82
N ILE A 176 -4.73 12.23 16.59
CA ILE A 176 -4.12 12.15 15.27
C ILE A 176 -3.63 10.72 15.10
N THR A 177 -4.30 9.95 14.25
CA THR A 177 -4.00 8.54 14.02
C THR A 177 -3.00 8.28 12.91
N LEU A 178 -2.63 9.30 12.13
CA LEU A 178 -1.78 9.10 10.96
C LEU A 178 -1.54 10.41 10.23
N ALA A 179 -0.32 10.56 9.71
CA ALA A 179 0.13 11.79 9.04
C ALA A 179 0.73 11.39 7.69
N VAL A 180 -0.13 11.17 6.70
CA VAL A 180 0.33 10.74 5.38
C VAL A 180 0.88 11.91 4.58
N PRO B 3 -20.46 6.48 -48.37
CA PRO B 3 -19.68 6.90 -47.19
C PRO B 3 -19.10 8.30 -47.32
N GLU B 4 -19.23 9.10 -46.26
CA GLU B 4 -18.75 10.48 -46.23
C GLU B 4 -17.42 10.54 -45.49
N ARG B 5 -16.51 11.37 -45.98
CA ARG B 5 -15.18 11.44 -45.37
C ARG B 5 -15.22 12.17 -44.03
N LYS B 6 -15.93 13.30 -43.97
CA LYS B 6 -15.86 14.15 -42.79
C LYS B 6 -16.51 13.48 -41.59
N ARG B 7 -17.69 12.89 -41.78
CA ARG B 7 -18.38 12.22 -40.68
C ARG B 7 -17.60 11.02 -40.18
N VAL B 8 -17.02 10.24 -41.09
CA VAL B 8 -16.22 9.09 -40.68
C VAL B 8 -14.97 9.54 -39.94
N SER B 9 -14.37 10.66 -40.37
CA SER B 9 -13.19 11.17 -39.67
C SER B 9 -13.55 11.64 -38.27
N LYS B 10 -14.69 12.31 -38.12
CA LYS B 10 -15.11 12.75 -36.79
C LYS B 10 -15.46 11.56 -35.89
N LEU B 11 -16.05 10.51 -36.45
CA LEU B 11 -16.29 9.30 -35.68
C LEU B 11 -14.98 8.65 -35.26
N MET B 12 -13.99 8.64 -36.16
CA MET B 12 -12.67 8.13 -35.81
C MET B 12 -12.07 8.92 -34.65
N ALA B 13 -12.18 10.24 -34.71
CA ALA B 13 -11.67 11.08 -33.63
C ALA B 13 -12.37 10.77 -32.32
N TYR B 14 -13.70 10.68 -32.35
CA TYR B 14 -14.45 10.38 -31.13
C TYR B 14 -14.03 9.02 -30.55
N ILE B 15 -13.79 8.03 -31.41
CA ILE B 15 -13.44 6.71 -30.92
C ILE B 15 -12.03 6.70 -30.34
N LEU B 16 -11.05 7.19 -31.11
CA LEU B 16 -9.66 7.12 -30.71
C LEU B 16 -9.27 8.12 -29.62
N ARG B 17 -10.11 9.14 -29.39
CA ARG B 17 -9.78 10.19 -28.42
C ARG B 17 -10.50 10.01 -27.10
N HIS B 18 -11.81 9.74 -27.13
CA HIS B 18 -12.64 9.82 -25.93
C HIS B 18 -13.15 8.47 -25.46
N SER B 19 -13.98 7.79 -26.27
CA SER B 19 -14.66 6.57 -25.84
C SER B 19 -14.33 5.43 -26.81
N PRO B 20 -13.16 4.79 -26.64
CA PRO B 20 -12.87 3.60 -27.44
C PRO B 20 -13.40 2.32 -26.79
N GLU B 21 -13.59 2.35 -25.47
CA GLU B 21 -14.08 1.17 -24.77
C GLU B 21 -15.52 0.84 -25.14
N GLU B 22 -16.31 1.84 -25.50
CA GLU B 22 -17.70 1.61 -25.91
C GLU B 22 -17.80 0.86 -27.23
N PHE B 23 -16.74 0.87 -28.05
CA PHE B 23 -16.75 0.18 -29.33
C PHE B 23 -15.95 -1.13 -29.30
N GLY B 24 -15.71 -1.67 -28.11
CA GLY B 24 -14.98 -2.91 -27.99
C GLY B 24 -13.54 -2.81 -28.46
N LEU B 25 -12.89 -1.69 -28.16
CA LEU B 25 -11.51 -1.43 -28.56
C LEU B 25 -10.70 -1.19 -27.29
N ARG B 26 -9.82 -2.12 -26.94
CA ARG B 26 -8.95 -1.96 -25.78
C ARG B 26 -7.64 -1.36 -26.25
N PRO B 27 -7.38 -0.08 -25.98
CA PRO B 27 -6.14 0.53 -26.44
C PRO B 27 -4.97 0.16 -25.55
N ASP B 28 -3.78 0.25 -26.12
CA ASP B 28 -2.56 -0.11 -25.40
C ASP B 28 -2.00 1.13 -24.69
N VAL B 29 -0.75 1.00 -24.22
CA VAL B 29 -0.12 2.05 -23.43
C VAL B 29 0.11 3.32 -24.26
N GLU B 30 0.38 3.18 -25.55
CA GLU B 30 0.62 4.34 -26.40
C GLU B 30 -0.65 4.91 -27.02
N GLY B 31 -1.77 4.18 -26.93
CA GLY B 31 -3.02 4.65 -27.48
C GLY B 31 -3.42 4.01 -28.79
N PHE B 32 -2.62 3.07 -29.30
CA PHE B 32 -2.91 2.43 -30.57
C PHE B 32 -3.99 1.37 -30.40
N VAL B 33 -4.76 1.16 -31.47
CA VAL B 33 -5.73 0.08 -31.54
C VAL B 33 -5.50 -0.68 -32.85
N SER B 34 -6.10 -1.86 -32.93
CA SER B 34 -5.99 -2.67 -34.14
C SER B 34 -6.68 -1.97 -35.31
N LEU B 35 -5.97 -1.80 -36.41
CA LEU B 35 -6.54 -1.11 -37.57
C LEU B 35 -7.73 -1.88 -38.14
N ASN B 36 -7.61 -3.20 -38.23
CA ASN B 36 -8.73 -4.01 -38.71
C ASN B 36 -9.91 -3.93 -37.76
N GLU B 37 -9.64 -3.99 -36.45
CA GLU B 37 -10.71 -3.85 -35.48
C GLU B 37 -11.32 -2.45 -35.49
N LEU B 38 -10.50 -1.42 -35.76
CA LEU B 38 -11.05 -0.08 -35.90
C LEU B 38 -11.96 0.00 -37.13
N VAL B 39 -11.58 -0.66 -38.22
CA VAL B 39 -12.44 -0.67 -39.41
C VAL B 39 -13.74 -1.40 -39.11
N ASN B 40 -13.66 -2.50 -38.36
CA ASN B 40 -14.88 -3.21 -37.95
C ASN B 40 -15.77 -2.33 -37.09
N ALA B 41 -15.17 -1.56 -36.18
CA ALA B 41 -15.96 -0.66 -35.33
C ALA B 41 -16.60 0.45 -36.16
N LEU B 42 -15.88 0.96 -37.16
CA LEU B 42 -16.45 1.98 -38.04
C LEU B 42 -17.55 1.41 -38.91
N LYS B 43 -17.49 0.11 -39.23
CA LYS B 43 -18.54 -0.51 -40.02
C LYS B 43 -19.86 -0.61 -39.26
N THR B 44 -19.81 -0.63 -37.92
CA THR B 44 -21.04 -0.69 -37.13
C THR B 44 -21.90 0.56 -37.32
N VAL B 45 -21.33 1.63 -37.87
CA VAL B 45 -22.08 2.84 -38.17
C VAL B 45 -22.15 3.09 -39.68
N TYR B 46 -21.03 2.92 -40.38
CA TYR B 46 -20.97 3.09 -41.83
C TYR B 46 -20.46 1.80 -42.46
N PRO B 47 -21.34 0.92 -42.93
CA PRO B 47 -20.87 -0.37 -43.47
C PRO B 47 -20.03 -0.23 -44.73
N GLU B 48 -20.19 0.85 -45.50
CA GLU B 48 -19.46 1.05 -46.74
C GLU B 48 -18.02 1.51 -46.51
N VAL B 49 -17.50 1.36 -45.29
CA VAL B 49 -16.16 1.83 -44.95
C VAL B 49 -15.19 0.66 -45.02
N THR B 50 -14.10 0.86 -45.75
CA THR B 50 -13.01 -0.10 -45.85
C THR B 50 -11.72 0.53 -45.33
N GLU B 51 -10.68 -0.31 -45.23
CA GLU B 51 -9.41 0.14 -44.68
C GLU B 51 -8.74 1.19 -45.56
N GLU B 52 -8.92 1.11 -46.88
CA GLU B 52 -8.33 2.09 -47.77
C GLU B 52 -8.90 3.49 -47.52
N PHE B 53 -10.19 3.57 -47.20
CA PHE B 53 -10.80 4.86 -46.88
C PHE B 53 -10.21 5.43 -45.60
N VAL B 54 -10.00 4.56 -44.60
CA VAL B 54 -9.40 5.02 -43.35
C VAL B 54 -7.97 5.51 -43.58
N ARG B 55 -7.22 4.79 -44.43
CA ARG B 55 -5.87 5.24 -44.74
C ARG B 55 -5.87 6.56 -45.49
N GLU B 56 -6.82 6.75 -46.39
CA GLU B 56 -6.97 8.05 -47.07
C GLU B 56 -7.21 9.17 -46.07
N ILE B 57 -8.12 8.94 -45.12
CA ILE B 57 -8.43 9.96 -44.12
C ILE B 57 -7.20 10.25 -43.26
N VAL B 58 -6.47 9.21 -42.87
CA VAL B 58 -5.29 9.40 -42.01
C VAL B 58 -4.20 10.14 -42.76
N GLU B 59 -4.02 9.84 -44.05
CA GLU B 59 -2.95 10.44 -44.82
C GLU B 59 -3.27 11.89 -45.19
N ASN B 60 -4.53 12.19 -45.48
CA ASN B 60 -4.94 13.49 -45.96
C ASN B 60 -5.57 14.36 -44.87
N ASP B 61 -5.44 13.99 -43.60
CA ASP B 61 -6.00 14.80 -42.53
C ASP B 61 -5.23 16.10 -42.39
N PRO B 62 -5.90 17.26 -42.44
CA PRO B 62 -5.16 18.53 -42.41
C PRO B 62 -4.59 18.90 -41.05
N LYS B 63 -5.14 18.39 -39.95
CA LYS B 63 -4.63 18.70 -38.63
C LYS B 63 -3.79 17.59 -38.03
N GLY B 64 -3.48 16.55 -38.81
CA GLY B 64 -2.66 15.45 -38.33
C GLY B 64 -3.22 14.82 -37.08
N ARG B 65 -4.50 14.47 -37.11
CA ARG B 65 -5.16 13.93 -35.94
C ARG B 65 -4.79 12.47 -35.68
N TYR B 66 -4.27 11.76 -36.67
CA TYR B 66 -4.10 10.32 -36.58
C TYR B 66 -2.67 9.94 -36.90
N GLU B 67 -2.27 8.76 -36.42
CA GLU B 67 -0.95 8.20 -36.65
C GLU B 67 -1.08 6.70 -36.80
N ILE B 68 -0.33 6.14 -37.75
CA ILE B 68 -0.38 4.71 -38.04
C ILE B 68 1.04 4.15 -37.97
N ARG B 69 1.21 3.09 -37.21
CA ARG B 69 2.45 2.32 -37.19
C ARG B 69 2.10 0.90 -37.62
N GLY B 70 2.50 0.56 -38.85
CA GLY B 70 2.23 -0.76 -39.39
C GLY B 70 0.75 -1.07 -39.48
N ASP B 71 0.27 -1.92 -38.57
CA ASP B 71 -1.13 -2.31 -38.53
C ASP B 71 -1.86 -1.73 -37.31
N ARG B 72 -1.27 -0.72 -36.66
CA ARG B 72 -1.86 -0.09 -35.50
C ARG B 72 -2.10 1.38 -35.79
N ILE B 73 -3.14 1.94 -35.17
CA ILE B 73 -3.56 3.30 -35.45
C ILE B 73 -4.01 3.95 -34.15
N ARG B 74 -3.68 5.23 -33.99
CA ARG B 74 -4.05 5.97 -32.79
C ARG B 74 -4.34 7.41 -33.16
N ALA B 75 -4.96 8.12 -32.22
CA ALA B 75 -5.05 9.56 -32.30
C ALA B 75 -3.78 10.18 -31.73
N ARG B 76 -3.40 11.34 -32.26
CA ARG B 76 -2.16 11.95 -31.82
C ARG B 76 -2.33 12.90 -30.65
N TYR B 77 -3.55 13.34 -30.35
CA TYR B 77 -3.79 14.25 -29.24
C TYR B 77 -5.28 14.27 -28.93
N GLY B 78 -5.62 14.97 -27.85
CA GLY B 78 -7.02 15.14 -27.48
C GLY B 78 -7.63 13.95 -26.79
N HIS B 79 -6.84 13.12 -26.13
CA HIS B 79 -7.36 11.91 -25.50
C HIS B 79 -8.04 12.24 -24.18
N SER B 80 -9.16 11.56 -23.94
CA SER B 80 -9.87 11.65 -22.66
C SER B 80 -9.41 10.59 -21.66
N PHE B 81 -8.67 9.58 -22.12
CA PHE B 81 -8.13 8.51 -21.31
C PHE B 81 -6.60 8.53 -21.37
N PRO B 82 -5.93 8.01 -20.35
CA PRO B 82 -4.46 8.14 -20.29
C PRO B 82 -3.79 7.41 -21.44
N VAL B 83 -2.90 8.13 -22.13
CA VAL B 83 -2.08 7.57 -23.21
C VAL B 83 -0.65 8.07 -23.05
N SER B 84 0.30 7.19 -23.32
CA SER B 84 1.72 7.52 -23.28
C SER B 84 2.16 7.67 -24.72
N LEU B 85 2.03 8.89 -25.25
CA LEU B 85 2.36 9.15 -26.65
C LEU B 85 3.82 8.90 -26.94
N ASP B 86 4.71 9.52 -26.19
CA ASP B 86 6.14 9.33 -26.41
C ASP B 86 6.68 8.08 -25.74
N HIS B 87 5.80 7.27 -25.14
CA HIS B 87 6.18 6.06 -24.42
C HIS B 87 7.26 6.35 -23.37
N GLU B 88 7.22 7.57 -22.83
CA GLU B 88 8.22 8.00 -21.86
C GLU B 88 8.02 7.28 -20.54
N GLU B 89 9.10 6.71 -20.01
CA GLU B 89 9.00 5.98 -18.76
C GLU B 89 9.28 6.94 -17.60
N ASP B 90 8.74 6.61 -16.44
CA ASP B 90 8.87 7.43 -15.25
C ASP B 90 9.80 6.71 -14.28
N THR B 91 11.00 7.29 -14.08
CA THR B 91 11.96 6.72 -13.15
C THR B 91 12.19 7.58 -11.91
N GLU B 92 11.85 8.86 -11.95
CA GLU B 92 12.13 9.78 -10.86
C GLU B 92 11.01 9.83 -9.83
N SER B 93 10.16 8.80 -9.78
CA SER B 93 9.04 8.75 -8.86
C SER B 93 9.28 7.66 -7.82
N ARG B 94 9.01 8.00 -6.56
CA ARG B 94 9.11 7.03 -5.48
C ARG B 94 7.76 6.62 -4.92
N PHE B 95 6.71 7.41 -5.14
CA PHE B 95 5.37 7.08 -4.65
C PHE B 95 4.33 7.52 -5.67
N LEU B 96 3.38 6.63 -5.96
CA LEU B 96 2.24 6.92 -6.79
C LEU B 96 0.96 6.75 -5.98
N TYR B 97 -0.16 7.19 -6.54
CA TYR B 97 -1.42 7.19 -5.81
C TYR B 97 -2.54 6.66 -6.68
N HIS B 98 -3.53 6.03 -6.04
CA HIS B 98 -4.69 5.49 -6.75
C HIS B 98 -5.93 5.57 -5.87
N GLY B 99 -7.01 6.10 -6.42
CA GLY B 99 -8.28 6.19 -5.70
C GLY B 99 -9.19 5.03 -6.02
N THR B 100 -9.77 4.44 -4.98
CA THR B 100 -10.64 3.29 -5.15
C THR B 100 -11.72 3.31 -4.08
N PRO B 101 -12.94 2.84 -4.40
CA PRO B 101 -13.98 2.79 -3.36
C PRO B 101 -13.57 1.89 -2.21
N ARG B 102 -14.12 2.17 -1.03
CA ARG B 102 -13.73 1.43 0.17
C ARG B 102 -14.27 0.00 0.19
N ARG B 103 -15.35 -0.27 -0.55
CA ARG B 103 -15.89 -1.63 -0.56
C ARG B 103 -14.90 -2.62 -1.18
N ASN B 104 -14.20 -2.20 -2.23
CA ASN B 104 -13.23 -3.05 -2.90
C ASN B 104 -11.87 -3.06 -2.21
N LEU B 105 -11.73 -2.34 -1.10
CA LEU B 105 -10.42 -2.21 -0.45
C LEU B 105 -9.82 -3.56 -0.04
N PRO B 106 -10.55 -4.45 0.66
CA PRO B 106 -9.91 -5.73 1.05
C PRO B 106 -9.53 -6.59 -0.13
N SER B 107 -10.36 -6.59 -1.18
CA SER B 107 -10.03 -7.37 -2.37
C SER B 107 -8.74 -6.89 -3.01
N ILE B 108 -8.60 -5.57 -3.15
CA ILE B 108 -7.38 -5.00 -3.71
C ILE B 108 -6.18 -5.34 -2.83
N LEU B 109 -6.29 -5.04 -1.53
CA LEU B 109 -5.21 -5.35 -0.61
C LEU B 109 -4.82 -6.83 -0.61
N LYS B 110 -5.75 -7.71 -1.01
CA LYS B 110 -5.45 -9.14 -1.07
C LYS B 110 -4.82 -9.55 -2.39
N GLU B 111 -5.25 -8.95 -3.50
CA GLU B 111 -4.78 -9.38 -4.81
C GLU B 111 -4.22 -8.25 -5.68
N GLY B 112 -4.19 -7.01 -5.19
CA GLY B 112 -3.59 -5.91 -5.93
C GLY B 112 -4.49 -5.38 -7.03
N LEU B 113 -3.97 -4.35 -7.70
CA LEU B 113 -4.68 -3.73 -8.81
C LEU B 113 -4.39 -4.50 -10.09
N LYS B 114 -5.45 -4.93 -10.77
CA LYS B 114 -5.30 -5.74 -11.96
C LYS B 114 -5.82 -5.01 -13.20
N PRO B 115 -5.22 -5.26 -14.38
CA PRO B 115 -5.71 -4.62 -15.59
C PRO B 115 -7.03 -5.22 -16.06
N MET B 116 -8.11 -4.81 -15.41
CA MET B 116 -9.46 -5.20 -15.79
C MET B 116 -9.94 -4.42 -17.01
N LYS B 117 -10.36 -3.17 -16.78
CA LYS B 117 -10.96 -2.30 -17.79
C LYS B 117 -10.25 -2.38 -19.14
N ARG B 118 -8.98 -1.98 -19.19
CA ARG B 118 -8.23 -2.03 -20.44
C ARG B 118 -7.01 -2.92 -20.31
N GLN B 119 -5.92 -2.53 -20.95
CA GLN B 119 -4.67 -3.25 -20.87
C GLN B 119 -3.80 -2.78 -19.70
N TYR B 120 -4.06 -1.59 -19.17
CA TYR B 120 -3.19 -0.97 -18.18
C TYR B 120 -4.02 -0.54 -16.97
N VAL B 121 -3.32 0.06 -16.02
CA VAL B 121 -3.88 0.52 -14.74
C VAL B 121 -3.45 1.97 -14.56
N HIS B 122 -4.41 2.83 -14.23
CA HIS B 122 -4.22 4.27 -14.13
C HIS B 122 -3.86 4.66 -12.70
N VAL B 123 -2.78 5.45 -12.55
CA VAL B 123 -2.40 6.05 -11.27
C VAL B 123 -1.99 7.50 -11.53
N SER B 124 -1.72 8.22 -10.44
CA SER B 124 -1.35 9.62 -10.53
C SER B 124 -0.22 9.92 -9.56
N THR B 125 0.59 10.91 -9.90
CA THR B 125 1.65 11.37 -8.99
C THR B 125 1.13 12.34 -7.94
N ASP B 126 -0.16 12.68 -7.98
CA ASP B 126 -0.78 13.59 -7.03
C ASP B 126 -1.93 12.87 -6.34
N LYS B 127 -2.14 13.21 -5.06
CA LYS B 127 -3.21 12.57 -4.30
C LYS B 127 -4.58 13.08 -4.73
N ILE B 128 -4.71 14.40 -4.92
CA ILE B 128 -5.99 14.99 -5.31
C ILE B 128 -6.46 14.40 -6.63
N GLU B 129 -5.55 14.26 -7.59
CA GLU B 129 -5.94 13.76 -8.91
C GLU B 129 -6.43 12.33 -8.84
N ALA B 130 -5.72 11.47 -8.12
CA ALA B 130 -6.13 10.08 -8.00
C ALA B 130 -7.45 9.95 -7.24
N LEU B 131 -7.61 10.74 -6.18
CA LEU B 131 -8.86 10.68 -5.40
C LEU B 131 -10.04 11.18 -6.22
N GLU B 132 -9.84 12.22 -7.02
CA GLU B 132 -10.92 12.71 -7.87
C GLU B 132 -11.25 11.73 -8.99
N THR B 133 -10.23 11.03 -9.50
CA THR B 133 -10.49 9.99 -10.50
C THR B 133 -11.29 8.84 -9.88
N GLY B 134 -10.99 8.50 -8.63
CA GLY B 134 -11.75 7.47 -7.95
C GLY B 134 -13.15 7.92 -7.54
N ARG B 135 -13.34 9.22 -7.34
CA ARG B 135 -14.66 9.76 -7.00
C ARG B 135 -15.67 9.59 -8.12
N ARG B 136 -15.22 9.32 -9.35
CA ARG B 136 -16.15 9.08 -10.43
C ARG B 136 -16.89 7.76 -10.30
N HIS B 137 -16.32 6.80 -9.57
CA HIS B 137 -16.91 5.48 -9.39
C HIS B 137 -17.64 5.33 -8.06
N GLY B 138 -18.22 6.41 -7.54
CA GLY B 138 -18.94 6.37 -6.28
C GLY B 138 -18.25 7.18 -5.20
N ARG B 139 -18.84 7.12 -4.01
CA ARG B 139 -18.32 7.80 -2.84
C ARG B 139 -17.56 6.79 -1.97
N GLU B 140 -17.19 7.20 -0.75
CA GLU B 140 -16.36 6.39 0.13
C GLU B 140 -15.06 6.00 -0.55
N VAL B 141 -14.34 7.01 -1.02
CA VAL B 141 -13.13 6.81 -1.81
C VAL B 141 -11.93 6.81 -0.88
N VAL B 142 -11.06 5.81 -1.05
CA VAL B 142 -9.84 5.71 -0.27
C VAL B 142 -8.64 5.83 -1.22
N LEU B 143 -7.52 6.25 -0.63
CA LEU B 143 -6.28 6.52 -1.34
C LEU B 143 -5.27 5.42 -1.05
N LEU B 144 -4.89 4.68 -2.09
CA LEU B 144 -3.83 3.69 -2.01
C LEU B 144 -2.52 4.36 -2.42
N VAL B 145 -1.53 4.30 -1.53
CA VAL B 145 -0.18 4.76 -1.84
C VAL B 145 0.62 3.56 -2.35
N ILE B 146 1.32 3.75 -3.46
CA ILE B 146 2.02 2.67 -4.15
C ILE B 146 3.50 3.00 -4.22
N ASP B 147 4.34 2.04 -3.82
CA ASP B 147 5.79 2.20 -3.94
C ASP B 147 6.19 1.99 -5.39
N ALA B 148 6.81 3.00 -5.99
CA ALA B 148 7.15 2.93 -7.41
C ALA B 148 8.37 2.07 -7.67
N GLU B 149 9.40 2.17 -6.81
CA GLU B 149 10.60 1.35 -7.02
C GLU B 149 10.33 -0.13 -6.84
N CYS B 150 9.40 -0.51 -5.97
CA CYS B 150 9.01 -1.91 -5.87
C CYS B 150 8.41 -2.38 -7.20
N LEU B 151 7.53 -1.56 -7.79
CA LEU B 151 6.95 -1.87 -9.08
C LEU B 151 8.03 -2.02 -10.15
N ARG B 152 9.01 -1.12 -10.16
CA ARG B 152 10.06 -1.17 -11.17
C ARG B 152 10.94 -2.41 -11.00
N LYS B 153 11.31 -2.73 -9.76
CA LYS B 153 12.14 -3.90 -9.49
C LYS B 153 11.41 -5.20 -9.79
N ARG B 154 10.09 -5.21 -9.75
CA ARG B 154 9.34 -6.42 -10.07
C ARG B 154 9.10 -6.59 -11.56
N GLY B 155 9.57 -5.66 -12.38
CA GLY B 155 9.46 -5.77 -13.82
C GLY B 155 8.29 -5.04 -14.43
N PHE B 156 7.84 -3.93 -13.83
CA PHE B 156 6.72 -3.15 -14.32
C PHE B 156 7.21 -1.72 -14.53
N LYS B 157 7.16 -1.27 -15.78
CA LYS B 157 7.63 0.06 -16.13
C LYS B 157 6.48 1.06 -16.00
N ILE B 158 6.74 2.17 -15.32
CA ILE B 158 5.73 3.22 -15.14
C ILE B 158 5.92 4.22 -16.26
N TYR B 159 4.83 4.54 -16.96
CA TYR B 159 4.90 5.41 -18.12
C TYR B 159 4.15 6.72 -17.86
N LYS B 160 4.66 7.80 -18.44
CA LYS B 160 4.07 9.12 -18.29
C LYS B 160 2.99 9.30 -19.36
N ALA B 161 1.75 9.52 -18.91
CA ALA B 161 0.65 9.73 -19.84
C ALA B 161 0.31 11.21 -19.91
N GLY B 162 -0.46 11.71 -18.95
CA GLY B 162 -0.78 13.11 -18.88
C GLY B 162 0.33 13.89 -18.19
N LYS B 163 -0.04 15.02 -17.61
CA LYS B 163 0.93 15.82 -16.87
C LYS B 163 1.32 15.12 -15.57
N ASN B 164 0.33 14.80 -14.74
CA ASN B 164 0.55 14.04 -13.51
C ASN B 164 -0.07 12.65 -13.59
N VAL B 165 -0.28 12.14 -14.81
CA VAL B 165 -0.92 10.85 -15.02
C VAL B 165 0.14 9.82 -15.33
N ARG B 166 0.04 8.65 -14.70
CA ARG B 166 0.93 7.53 -14.99
C ARG B 166 0.08 6.29 -15.24
N ILE B 167 0.65 5.35 -15.99
CA ILE B 167 -0.02 4.10 -16.30
C ILE B 167 0.97 2.95 -16.18
N VAL B 168 0.56 1.88 -15.53
CA VAL B 168 1.38 0.68 -15.36
C VAL B 168 0.59 -0.50 -15.90
N GLU B 169 1.25 -1.66 -15.93
CA GLU B 169 0.52 -2.85 -16.37
C GLU B 169 -0.32 -3.41 -15.21
N ARG B 170 0.35 -3.79 -14.13
CA ARG B 170 -0.28 -4.36 -12.95
C ARG B 170 0.31 -3.72 -11.71
N VAL B 171 -0.39 -3.86 -10.59
CA VAL B 171 0.14 -3.43 -9.30
C VAL B 171 0.02 -4.59 -8.31
N PRO B 172 1.11 -5.27 -7.99
CA PRO B 172 1.03 -6.40 -7.05
C PRO B 172 0.62 -5.94 -5.67
N PRO B 173 0.07 -6.83 -4.84
CA PRO B 173 -0.34 -6.43 -3.49
C PRO B 173 0.83 -5.98 -2.63
N ASP B 174 2.05 -6.45 -2.93
CA ASP B 174 3.22 -6.06 -2.14
C ASP B 174 3.64 -4.63 -2.40
N CYS B 175 3.26 -4.05 -3.54
CA CYS B 175 3.63 -2.69 -3.87
C CYS B 175 2.71 -1.67 -3.21
N ILE B 176 1.51 -2.07 -2.81
CA ILE B 176 0.56 -1.18 -2.16
C ILE B 176 1.06 -0.99 -0.72
N THR B 177 1.47 0.24 -0.40
CA THR B 177 1.97 0.52 0.94
C THR B 177 0.80 0.89 1.85
N LEU B 178 0.53 2.17 2.03
CA LEU B 178 -0.55 2.57 2.90
C LEU B 178 -1.87 2.65 2.15
N ALA B 179 -2.97 2.54 2.90
CA ALA B 179 -4.32 2.65 2.36
C ALA B 179 -5.13 3.50 3.31
N VAL B 180 -5.28 4.78 2.98
CA VAL B 180 -5.95 5.73 3.87
C VAL B 180 -7.35 6.04 3.37
N PRO C 3 36.79 20.21 46.52
CA PRO C 3 36.17 19.12 45.76
C PRO C 3 36.56 17.74 46.28
N GLU C 4 35.59 16.84 46.38
CA GLU C 4 35.81 15.49 46.86
C GLU C 4 35.95 14.54 45.69
N ARG C 5 36.88 13.58 45.82
CA ARG C 5 37.18 12.69 44.70
C ARG C 5 36.07 11.66 44.49
N LYS C 6 35.55 11.09 45.58
CA LYS C 6 34.64 9.95 45.47
C LYS C 6 33.33 10.36 44.80
N ARG C 7 32.74 11.47 45.26
CA ARG C 7 31.47 11.92 44.70
C ARG C 7 31.62 12.33 43.24
N VAL C 8 32.70 13.02 42.90
CA VAL C 8 32.92 13.42 41.51
C VAL C 8 33.12 12.20 40.62
N SER C 9 33.82 11.17 41.12
CA SER C 9 34.01 9.96 40.33
C SER C 9 32.70 9.22 40.11
N LYS C 10 31.86 9.13 41.14
CA LYS C 10 30.58 8.47 40.98
C LYS C 10 29.66 9.24 40.04
N LEU C 11 29.70 10.57 40.10
CA LEU C 11 28.92 11.37 39.16
C LEU C 11 29.43 11.19 37.74
N MET C 12 30.75 11.11 37.56
CA MET C 12 31.31 10.83 36.24
C MET C 12 30.82 9.49 35.70
N ALA C 13 30.82 8.46 36.54
CA ALA C 13 30.36 7.15 36.10
C ALA C 13 28.90 7.19 35.68
N TYR C 14 28.05 7.78 36.52
CA TYR C 14 26.63 7.85 36.19
C TYR C 14 26.38 8.63 34.91
N ILE C 15 27.16 9.70 34.69
CA ILE C 15 26.96 10.52 33.50
C ILE C 15 27.40 9.78 32.25
N LEU C 16 28.61 9.22 32.27
CA LEU C 16 29.16 8.59 31.07
C LEU C 16 28.53 7.24 30.76
N ARG C 17 27.84 6.63 31.72
CA ARG C 17 27.28 5.30 31.48
C ARG C 17 25.77 5.32 31.19
N HIS C 18 24.98 6.06 31.95
CA HIS C 18 23.53 5.92 31.91
C HIS C 18 22.82 7.13 31.30
N SER C 19 22.93 8.30 31.92
CA SER C 19 22.16 9.48 31.53
C SER C 19 23.10 10.63 31.18
N PRO C 20 23.65 10.64 29.96
CA PRO C 20 24.43 11.80 29.52
C PRO C 20 23.57 12.90 28.92
N GLU C 21 22.38 12.54 28.45
CA GLU C 21 21.48 13.52 27.84
C GLU C 21 20.98 14.52 28.87
N GLU C 22 20.90 14.12 30.14
CA GLU C 22 20.44 15.03 31.19
C GLU C 22 21.44 16.15 31.44
N PHE C 23 22.71 15.94 31.09
CA PHE C 23 23.74 16.95 31.28
C PHE C 23 24.21 17.57 29.96
N GLY C 24 23.41 17.46 28.90
CA GLY C 24 23.78 18.05 27.62
C GLY C 24 25.01 17.44 26.98
N LEU C 25 25.16 16.12 27.05
CA LEU C 25 26.30 15.42 26.49
C LEU C 25 25.82 14.42 25.45
N ARG C 26 26.09 14.71 24.18
CA ARG C 26 25.72 13.81 23.09
C ARG C 26 26.90 12.90 22.78
N PRO C 27 26.88 11.63 23.18
CA PRO C 27 28.01 10.75 22.88
C PRO C 27 27.98 10.22 21.45
N ASP C 28 29.15 9.84 20.97
CA ASP C 28 29.31 9.32 19.62
C ASP C 28 29.15 7.79 19.63
N VAL C 29 29.55 7.16 18.52
CA VAL C 29 29.35 5.71 18.37
C VAL C 29 30.20 4.94 19.38
N GLU C 30 31.39 5.44 19.71
CA GLU C 30 32.27 4.75 20.63
C GLU C 30 31.98 5.10 22.08
N GLY C 31 31.18 6.13 22.34
CA GLY C 31 30.83 6.52 23.69
C GLY C 31 31.53 7.76 24.21
N PHE C 32 32.37 8.41 23.41
CA PHE C 32 33.09 9.57 23.87
C PHE C 32 32.18 10.80 23.90
N VAL C 33 32.46 11.70 24.84
CA VAL C 33 31.78 12.99 24.93
C VAL C 33 32.84 14.08 25.04
N SER C 34 32.41 15.32 24.85
CA SER C 34 33.31 16.45 24.95
C SER C 34 33.84 16.58 26.37
N LEU C 35 35.17 16.60 26.51
CA LEU C 35 35.79 16.70 27.82
C LEU C 35 35.47 18.03 28.50
N ASN C 36 35.48 19.12 27.73
CA ASN C 36 35.15 20.43 28.30
C ASN C 36 33.70 20.47 28.76
N GLU C 37 32.78 19.93 27.97
CA GLU C 37 31.38 19.89 28.37
C GLU C 37 31.17 18.99 29.58
N LEU C 38 31.92 17.89 29.67
CA LEU C 38 31.84 17.04 30.85
C LEU C 38 32.35 17.77 32.10
N VAL C 39 33.43 18.54 31.96
CA VAL C 39 33.93 19.32 33.08
C VAL C 39 32.90 20.37 33.49
N ASN C 40 32.24 21.00 32.51
CA ASN C 40 31.18 21.95 32.83
C ASN C 40 30.04 21.27 33.58
N ALA C 41 29.68 20.06 33.15
CA ALA C 41 28.60 19.33 33.82
C ALA C 41 29.00 18.96 35.24
N LEU C 42 30.26 18.59 35.45
CA LEU C 42 30.72 18.29 36.80
C LEU C 42 30.76 19.54 37.66
N LYS C 43 31.04 20.70 37.05
CA LYS C 43 31.03 21.96 37.78
C LYS C 43 29.61 22.37 38.15
N THR C 44 28.62 21.93 37.36
CA THR C 44 27.23 22.25 37.70
C THR C 44 26.80 21.64 39.02
N VAL C 45 27.55 20.67 39.54
CA VAL C 45 27.27 20.07 40.84
C VAL C 45 28.35 20.41 41.86
N TYR C 46 29.61 20.31 41.46
CA TYR C 46 30.75 20.68 42.31
C TYR C 46 31.57 21.71 41.55
N PRO C 47 31.34 23.04 41.71
CA PRO C 47 32.01 24.01 40.86
C PRO C 47 33.52 23.93 40.85
N GLU C 48 34.11 23.48 41.95
CA GLU C 48 35.58 23.52 42.06
C GLU C 48 36.23 22.49 41.12
N VAL C 49 35.43 21.65 40.46
CA VAL C 49 36.07 20.56 39.65
C VAL C 49 36.76 21.17 38.43
N THR C 50 38.09 21.02 38.34
CA THR C 50 38.81 21.45 37.15
C THR C 50 39.17 20.25 36.29
N GLU C 51 39.69 20.54 35.09
CA GLU C 51 40.08 19.48 34.17
C GLU C 51 41.21 18.65 34.73
N GLU C 52 42.12 19.28 35.51
CA GLU C 52 43.21 18.53 36.12
C GLU C 52 42.69 17.49 37.10
N PHE C 53 41.62 17.82 37.83
CA PHE C 53 41.02 16.86 38.75
C PHE C 53 40.41 15.67 38.00
N VAL C 54 39.75 15.93 36.88
CA VAL C 54 39.20 14.86 36.08
C VAL C 54 40.31 13.98 35.52
N ARG C 55 41.41 14.59 35.09
CA ARG C 55 42.55 13.83 34.60
C ARG C 55 43.16 12.98 35.71
N GLU C 56 43.22 13.51 36.93
CA GLU C 56 43.67 12.73 38.08
C GLU C 56 42.79 11.51 38.29
N ILE C 57 41.47 11.72 38.23
CA ILE C 57 40.54 10.62 38.44
C ILE C 57 40.69 9.56 37.36
N VAL C 58 40.82 9.98 36.11
CA VAL C 58 40.94 9.02 35.00
C VAL C 58 42.26 8.27 35.06
N GLU C 59 43.34 8.96 35.42
CA GLU C 59 44.66 8.35 35.35
C GLU C 59 44.89 7.34 36.46
N ASN C 60 44.39 7.60 37.66
CA ASN C 60 44.70 6.78 38.82
C ASN C 60 43.59 5.77 39.12
N ASP C 61 42.66 5.57 38.21
CA ASP C 61 41.59 4.61 38.44
C ASP C 61 42.15 3.20 38.40
N PRO C 62 41.98 2.39 39.45
CA PRO C 62 42.55 1.05 39.45
C PRO C 62 41.82 0.07 38.56
N LYS C 63 40.54 0.31 38.26
CA LYS C 63 39.75 -0.58 37.42
C LYS C 63 39.62 -0.10 35.99
N GLY C 64 40.29 0.98 35.62
CA GLY C 64 40.25 1.50 34.26
C GLY C 64 38.86 1.80 33.75
N ARG C 65 38.10 2.59 34.51
CA ARG C 65 36.72 2.89 34.14
C ARG C 65 36.61 3.91 33.01
N TYR C 66 37.65 4.71 32.77
CA TYR C 66 37.55 5.83 31.84
C TYR C 66 38.69 5.76 30.82
N GLU C 67 38.47 6.44 29.69
CA GLU C 67 39.45 6.52 28.62
C GLU C 67 39.35 7.89 27.97
N ILE C 68 40.49 8.47 27.63
CA ILE C 68 40.55 9.82 27.03
C ILE C 68 41.34 9.74 25.74
N ARG C 69 40.77 10.29 24.66
CA ARG C 69 41.47 10.50 23.39
C ARG C 69 41.42 11.99 23.07
N GLY C 70 42.56 12.66 23.18
CA GLY C 70 42.63 14.07 22.84
C GLY C 70 41.70 14.94 23.68
N ASP C 71 40.60 15.39 23.08
CA ASP C 71 39.64 16.24 23.76
C ASP C 71 38.33 15.52 24.07
N ARG C 72 38.30 14.20 23.94
CA ARG C 72 37.09 13.43 24.22
C ARG C 72 37.37 12.38 25.28
N ILE C 73 36.33 12.03 26.03
CA ILE C 73 36.44 11.12 27.17
C ILE C 73 35.21 10.21 27.20
N ARG C 74 35.41 8.94 27.53
CA ARG C 74 34.32 7.97 27.57
C ARG C 74 34.54 7.00 28.72
N ALA C 75 33.46 6.27 29.04
CA ALA C 75 33.57 5.10 29.88
C ALA C 75 33.94 3.91 29.01
N ARG C 76 34.68 2.97 29.60
CA ARG C 76 35.17 1.83 28.83
C ARG C 76 34.22 0.65 28.83
N TYR C 77 33.23 0.64 29.72
CA TYR C 77 32.25 -0.43 29.80
C TYR C 77 31.09 0.06 30.66
N GLY C 78 30.05 -0.79 30.76
CA GLY C 78 28.93 -0.49 31.61
C GLY C 78 27.92 0.50 31.05
N HIS C 79 27.84 0.63 29.74
CA HIS C 79 26.92 1.60 29.14
C HIS C 79 25.49 1.07 29.16
N SER C 80 24.55 1.97 29.43
CA SER C 80 23.13 1.64 29.38
C SER C 80 22.53 1.84 28.00
N PHE C 81 23.24 2.53 27.11
CA PHE C 81 22.84 2.78 25.75
C PHE C 81 23.82 2.14 24.78
N PRO C 82 23.38 1.78 23.57
CA PRO C 82 24.27 1.03 22.67
C PRO C 82 25.48 1.85 22.27
N VAL C 83 26.66 1.24 22.41
CA VAL C 83 27.92 1.82 21.98
C VAL C 83 28.73 0.76 21.27
N SER C 84 29.39 1.15 20.19
CA SER C 84 30.26 0.27 19.40
C SER C 84 31.69 0.65 19.71
N LEU C 85 32.23 0.07 20.79
CA LEU C 85 33.61 0.33 21.15
C LEU C 85 34.55 -0.25 20.09
N ASP C 86 35.77 0.29 20.06
CA ASP C 86 36.82 -0.10 19.11
C ASP C 86 36.48 0.28 17.67
N HIS C 87 35.39 1.02 17.46
CA HIS C 87 34.93 1.39 16.12
C HIS C 87 34.72 0.16 15.24
N GLU C 88 34.29 -0.95 15.86
CA GLU C 88 34.15 -2.22 15.15
C GLU C 88 32.99 -2.10 14.16
N GLU C 89 33.26 -2.38 12.89
CA GLU C 89 32.29 -2.23 11.81
C GLU C 89 31.57 -3.54 11.51
N ASP C 90 30.37 -3.40 10.94
CA ASP C 90 29.55 -4.54 10.51
C ASP C 90 29.51 -4.50 8.98
N THR C 91 30.17 -5.47 8.36
CA THR C 91 30.19 -5.59 6.91
C THR C 91 29.46 -6.82 6.38
N GLU C 92 29.16 -7.78 7.24
CA GLU C 92 28.55 -9.04 6.81
C GLU C 92 27.05 -8.96 6.71
N SER C 93 26.42 -8.08 7.48
CA SER C 93 24.97 -7.96 7.46
C SER C 93 24.51 -7.39 6.12
N ARG C 94 23.50 -8.01 5.53
CA ARG C 94 22.89 -7.53 4.29
C ARG C 94 21.49 -6.97 4.49
N PHE C 95 20.84 -7.29 5.62
CA PHE C 95 19.50 -6.80 5.91
C PHE C 95 19.43 -6.45 7.39
N LEU C 96 18.90 -5.28 7.69
CA LEU C 96 18.63 -4.86 9.07
C LEU C 96 17.14 -4.63 9.21
N TYR C 97 16.69 -4.47 10.46
CA TYR C 97 15.26 -4.35 10.73
C TYR C 97 15.03 -3.26 11.77
N HIS C 98 13.88 -2.58 11.65
CA HIS C 98 13.52 -1.52 12.58
C HIS C 98 12.02 -1.44 12.77
N GLY C 99 11.57 -1.38 14.02
CA GLY C 99 10.15 -1.26 14.31
C GLY C 99 9.77 0.20 14.50
N THR C 100 8.66 0.60 13.89
CA THR C 100 8.24 2.00 13.94
C THR C 100 6.73 2.16 14.02
N PRO C 101 6.24 3.17 14.74
CA PRO C 101 4.80 3.40 14.81
C PRO C 101 4.23 3.78 13.44
N ARG C 102 2.94 3.48 13.25
CA ARG C 102 2.27 3.76 11.99
C ARG C 102 1.98 5.24 11.80
N ARG C 103 1.88 6.02 12.88
CA ARG C 103 1.51 7.43 12.75
C ARG C 103 2.58 8.21 11.98
N ASN C 104 3.85 8.00 12.30
CA ASN C 104 4.95 8.64 11.60
C ASN C 104 5.42 7.84 10.38
N LEU C 105 4.76 6.73 10.08
CA LEU C 105 5.21 5.83 9.01
C LEU C 105 5.36 6.52 7.66
N PRO C 106 4.37 7.28 7.16
CA PRO C 106 4.55 7.88 5.83
C PRO C 106 5.71 8.86 5.78
N SER C 107 5.91 9.63 6.85
CA SER C 107 7.04 10.54 6.88
C SER C 107 8.36 9.77 6.85
N ILE C 108 8.48 8.71 7.66
CA ILE C 108 9.69 7.92 7.70
C ILE C 108 9.97 7.32 6.32
N LEU C 109 9.01 6.60 5.75
CA LEU C 109 9.17 6.05 4.42
C LEU C 109 9.49 7.12 3.38
N LYS C 110 9.13 8.38 3.65
CA LYS C 110 9.43 9.47 2.75
C LYS C 110 10.79 10.10 3.03
N GLU C 111 11.22 10.12 4.29
CA GLU C 111 12.42 10.85 4.67
C GLU C 111 13.45 10.00 5.39
N GLY C 112 13.17 8.71 5.63
CA GLY C 112 14.13 7.83 6.25
C GLY C 112 14.23 8.00 7.76
N LEU C 113 15.08 7.17 8.35
CA LEU C 113 15.31 7.22 9.79
C LEU C 113 16.39 8.26 10.07
N LYS C 114 16.07 9.22 10.93
CA LYS C 114 16.99 10.29 11.23
C LYS C 114 17.42 10.23 12.70
N PRO C 115 18.67 10.61 12.99
CA PRO C 115 19.15 10.56 14.38
C PRO C 115 18.65 11.72 15.23
N MET C 116 17.39 12.13 15.02
CA MET C 116 16.77 13.11 15.91
C MET C 116 16.94 12.71 17.37
N LYS C 117 16.49 11.50 17.71
CA LYS C 117 16.52 11.05 19.13
C LYS C 117 17.86 11.41 19.78
N ARG C 118 18.93 10.76 19.33
CA ARG C 118 20.28 11.02 19.86
C ARG C 118 21.26 10.94 18.67
N GLN C 119 22.54 11.26 18.88
CA GLN C 119 23.52 11.34 17.76
C GLN C 119 23.38 10.21 16.72
N TYR C 120 22.93 9.01 17.10
CA TYR C 120 22.92 7.90 16.10
C TYR C 120 21.54 7.23 16.03
N VAL C 121 21.39 6.23 15.15
CA VAL C 121 20.09 5.51 14.98
C VAL C 121 20.27 4.03 15.36
N HIS C 122 19.33 3.45 16.10
CA HIS C 122 19.42 2.08 16.56
C HIS C 122 18.64 1.16 15.61
N VAL C 123 19.28 0.08 15.17
CA VAL C 123 18.62 -0.96 14.38
C VAL C 123 19.05 -2.32 14.89
N SER C 124 18.43 -3.36 14.34
CA SER C 124 18.71 -4.73 14.76
C SER C 124 18.81 -5.63 13.54
N THR C 125 19.62 -6.68 13.67
CA THR C 125 19.75 -7.70 12.64
C THR C 125 18.68 -8.77 12.74
N ASP C 126 17.78 -8.68 13.72
CA ASP C 126 16.71 -9.64 13.94
C ASP C 126 15.37 -8.93 13.83
N LYS C 127 14.38 -9.64 13.29
CA LYS C 127 13.05 -9.04 13.14
C LYS C 127 12.31 -8.97 14.47
N ILE C 128 12.32 -10.07 15.23
CA ILE C 128 11.61 -10.09 16.51
C ILE C 128 12.21 -9.06 17.47
N GLU C 129 13.55 -8.99 17.52
CA GLU C 129 14.21 -8.06 18.42
C GLU C 129 13.90 -6.62 18.04
N ALA C 130 13.92 -6.31 16.74
CA ALA C 130 13.61 -4.95 16.30
C ALA C 130 12.15 -4.60 16.61
N LEU C 131 11.24 -5.56 16.44
CA LEU C 131 9.83 -5.31 16.74
C LEU C 131 9.62 -5.05 18.23
N GLU C 132 10.29 -5.83 19.09
CA GLU C 132 10.12 -5.62 20.52
C GLU C 132 10.78 -4.32 20.97
N THR C 133 11.89 -3.95 20.35
CA THR C 133 12.50 -2.65 20.65
C THR C 133 11.61 -1.50 20.19
N GLY C 134 10.95 -1.66 19.04
CA GLY C 134 10.04 -0.64 18.52
C GLY C 134 8.74 -0.54 19.30
N ARG C 135 8.35 -1.60 19.98
CA ARG C 135 7.15 -1.54 20.82
C ARG C 135 7.26 -0.55 21.96
N ARG C 136 8.47 -0.07 22.26
CA ARG C 136 8.65 0.95 23.29
C ARG C 136 8.11 2.31 22.87
N HIS C 137 8.01 2.58 21.57
CA HIS C 137 7.59 3.89 21.08
C HIS C 137 6.12 3.93 20.66
N GLY C 138 5.27 3.14 21.29
CA GLY C 138 3.86 3.15 20.97
C GLY C 138 3.40 1.84 20.33
N ARG C 139 2.13 1.83 19.96
CA ARG C 139 1.51 0.68 19.32
C ARG C 139 1.42 0.94 17.81
N GLU C 140 0.71 0.06 17.10
CA GLU C 140 0.64 0.10 15.64
C GLU C 140 2.04 0.10 15.04
N VAL C 141 2.83 -0.90 15.44
CA VAL C 141 4.23 -0.96 15.05
C VAL C 141 4.36 -1.82 13.80
N VAL C 142 5.10 -1.31 12.82
CA VAL C 142 5.38 -2.03 11.59
C VAL C 142 6.88 -2.28 11.51
N LEU C 143 7.25 -3.27 10.71
CA LEU C 143 8.63 -3.72 10.58
C LEU C 143 9.17 -3.21 9.25
N LEU C 144 10.15 -2.31 9.32
CA LEU C 144 10.86 -1.81 8.16
C LEU C 144 12.11 -2.66 7.94
N VAL C 145 12.22 -3.20 6.73
CA VAL C 145 13.42 -3.92 6.30
C VAL C 145 14.35 -2.92 5.64
N ILE C 146 15.62 -2.96 6.02
CA ILE C 146 16.61 -1.98 5.59
C ILE C 146 17.68 -2.72 4.82
N ASP C 147 17.98 -2.25 3.61
CA ASP C 147 19.04 -2.83 2.80
C ASP C 147 20.38 -2.32 3.28
N ALA C 148 21.25 -3.24 3.71
CA ALA C 148 22.56 -2.86 4.20
C ALA C 148 23.51 -2.51 3.08
N GLU C 149 23.41 -3.24 1.95
CA GLU C 149 24.29 -2.95 0.82
C GLU C 149 24.02 -1.56 0.26
N CYS C 150 22.76 -1.14 0.26
CA CYS C 150 22.42 0.22 -0.15
C CYS C 150 23.01 1.24 0.82
N LEU C 151 22.90 0.98 2.13
CA LEU C 151 23.45 1.88 3.14
C LEU C 151 24.95 2.04 2.95
N ARG C 152 25.66 0.94 2.73
CA ARG C 152 27.11 1.01 2.54
C ARG C 152 27.44 1.72 1.23
N LYS C 153 26.66 1.48 0.18
CA LYS C 153 26.89 2.14 -1.09
C LYS C 153 26.67 3.64 -0.99
N ARG C 154 25.81 4.09 -0.07
CA ARG C 154 25.57 5.51 0.12
C ARG C 154 26.53 6.19 1.08
N GLY C 155 27.45 5.45 1.69
CA GLY C 155 28.45 6.05 2.55
C GLY C 155 28.16 6.02 4.04
N PHE C 156 27.47 5.01 4.54
CA PHE C 156 27.13 4.90 5.96
C PHE C 156 27.70 3.61 6.50
N LYS C 157 28.58 3.72 7.49
CA LYS C 157 29.23 2.57 8.09
C LYS C 157 28.36 2.05 9.24
N ILE C 158 28.11 0.74 9.24
CA ILE C 158 27.31 0.08 10.26
C ILE C 158 28.24 -0.46 11.33
N TYR C 159 27.95 -0.14 12.59
CA TYR C 159 28.80 -0.54 13.70
C TYR C 159 28.02 -1.48 14.62
N LYS C 160 28.74 -2.44 15.21
CA LYS C 160 28.13 -3.40 16.12
C LYS C 160 28.16 -2.83 17.54
N ALA C 161 26.98 -2.58 18.10
CA ALA C 161 26.84 -2.06 19.45
C ALA C 161 26.36 -3.10 20.45
N GLY C 162 26.12 -4.34 20.02
CA GLY C 162 25.69 -5.39 20.91
C GLY C 162 25.68 -6.75 20.25
N LYS C 163 24.82 -7.64 20.73
CA LYS C 163 24.70 -8.96 20.11
C LYS C 163 24.06 -8.85 18.73
N ASN C 164 22.82 -8.38 18.67
CA ASN C 164 22.12 -8.14 17.41
C ASN C 164 21.81 -6.67 17.21
N VAL C 165 22.53 -5.79 17.89
CA VAL C 165 22.27 -4.36 17.86
C VAL C 165 23.29 -3.68 16.95
N ARG C 166 22.81 -2.80 16.09
CA ARG C 166 23.66 -1.99 15.22
C ARG C 166 23.26 -0.52 15.36
N ILE C 167 24.20 0.37 15.05
CA ILE C 167 23.96 1.80 15.13
C ILE C 167 24.52 2.45 13.87
N VAL C 168 23.73 3.31 13.26
CA VAL C 168 24.17 4.06 12.08
C VAL C 168 23.91 5.54 12.35
N GLU C 169 24.37 6.38 11.42
CA GLU C 169 24.05 7.80 11.52
C GLU C 169 22.65 8.07 11.00
N ARG C 170 22.40 7.76 9.73
CA ARG C 170 21.10 7.97 9.10
C ARG C 170 20.76 6.75 8.27
N VAL C 171 19.49 6.62 7.92
CA VAL C 171 19.02 5.58 7.00
C VAL C 171 18.21 6.27 5.91
N PRO C 172 18.73 6.41 4.70
CA PRO C 172 17.99 7.10 3.64
C PRO C 172 16.70 6.36 3.30
N PRO C 173 15.72 7.07 2.73
CA PRO C 173 14.46 6.40 2.39
C PRO C 173 14.62 5.32 1.35
N ASP C 174 15.68 5.37 0.55
CA ASP C 174 15.89 4.36 -0.48
C ASP C 174 16.32 3.02 0.11
N CYS C 175 16.88 3.02 1.32
CA CYS C 175 17.28 1.78 1.95
C CYS C 175 16.14 1.13 2.71
N ILE C 176 15.18 1.92 3.15
CA ILE C 176 14.03 1.41 3.90
C ILE C 176 13.01 0.81 2.94
N THR C 177 12.85 -0.50 2.98
CA THR C 177 11.85 -1.13 2.14
C THR C 177 10.54 -1.22 2.91
N LEU C 178 10.16 -2.43 3.32
CA LEU C 178 8.89 -2.67 4.02
C LEU C 178 8.73 -4.18 4.18
N ALA C 179 7.86 -4.55 5.12
CA ALA C 179 7.61 -5.95 5.40
C ALA C 179 6.90 -6.64 4.23
N PRO D 3 1.74 -15.68 5.78
CA PRO D 3 1.85 -17.01 5.17
C PRO D 3 3.28 -17.56 5.18
N GLU D 4 3.43 -18.83 5.53
CA GLU D 4 4.73 -19.48 5.59
C GLU D 4 4.98 -20.29 4.33
N ARG D 5 6.22 -20.26 3.83
CA ARG D 5 6.53 -20.92 2.58
C ARG D 5 6.61 -22.43 2.73
N LYS D 6 7.24 -22.91 3.81
CA LYS D 6 7.54 -24.33 3.92
C LYS D 6 6.27 -25.17 4.03
N ARG D 7 5.34 -24.74 4.87
CA ARG D 7 4.10 -25.50 5.05
C ARG D 7 3.28 -25.53 3.77
N VAL D 8 3.18 -24.39 3.07
CA VAL D 8 2.45 -24.34 1.81
C VAL D 8 3.13 -25.21 0.75
N SER D 9 4.47 -25.23 0.76
CA SER D 9 5.19 -26.07 -0.19
C SER D 9 4.95 -27.54 0.09
N LYS D 10 4.92 -27.93 1.37
CA LYS D 10 4.64 -29.33 1.70
C LYS D 10 3.23 -29.72 1.30
N LEU D 11 2.26 -28.83 1.52
CA LEU D 11 0.89 -29.13 1.10
C LEU D 11 0.79 -29.22 -0.43
N MET D 12 1.49 -28.32 -1.13
CA MET D 12 1.53 -28.38 -2.59
C MET D 12 2.10 -29.70 -3.07
N ALA D 13 3.21 -30.14 -2.46
CA ALA D 13 3.82 -31.40 -2.83
C ALA D 13 2.87 -32.56 -2.58
N TYR D 14 2.25 -32.59 -1.40
CA TYR D 14 1.30 -33.67 -1.08
C TYR D 14 0.13 -33.70 -2.05
N ILE D 15 -0.36 -32.53 -2.45
CA ILE D 15 -1.52 -32.48 -3.35
C ILE D 15 -1.12 -32.93 -4.76
N LEU D 16 -0.08 -32.35 -5.31
CA LEU D 16 0.29 -32.63 -6.69
C LEU D 16 0.97 -33.99 -6.86
N ARG D 17 1.41 -34.61 -5.76
CA ARG D 17 2.15 -35.87 -5.83
C ARG D 17 1.29 -37.08 -5.47
N HIS D 18 0.54 -37.01 -4.38
CA HIS D 18 -0.07 -38.20 -3.79
C HIS D 18 -1.59 -38.20 -3.88
N SER D 19 -2.27 -37.28 -3.18
CA SER D 19 -3.72 -37.31 -3.02
C SER D 19 -4.34 -36.00 -3.49
N PRO D 20 -4.54 -35.84 -4.81
CA PRO D 20 -5.27 -34.67 -5.29
C PRO D 20 -6.78 -34.85 -5.28
N GLU D 21 -7.26 -36.09 -5.29
CA GLU D 21 -8.71 -36.32 -5.33
C GLU D 21 -9.40 -35.84 -4.07
N GLU D 22 -8.72 -35.86 -2.92
CA GLU D 22 -9.36 -35.38 -1.69
C GLU D 22 -9.56 -33.88 -1.72
N PHE D 23 -8.85 -33.15 -2.58
CA PHE D 23 -9.02 -31.71 -2.72
C PHE D 23 -9.81 -31.34 -3.97
N GLY D 24 -10.54 -32.29 -4.55
CA GLY D 24 -11.33 -32.00 -5.73
C GLY D 24 -10.51 -31.58 -6.92
N LEU D 25 -9.35 -32.22 -7.13
CA LEU D 25 -8.45 -31.89 -8.22
C LEU D 25 -8.28 -33.14 -9.09
N ARG D 26 -8.85 -33.10 -10.29
CA ARG D 26 -8.71 -34.21 -11.23
C ARG D 26 -7.56 -33.90 -12.18
N PRO D 27 -6.42 -34.57 -12.04
CA PRO D 27 -5.29 -34.29 -12.93
C PRO D 27 -5.46 -34.97 -14.28
N ASP D 28 -4.78 -34.42 -15.28
CA ASP D 28 -4.85 -34.93 -16.64
C ASP D 28 -3.78 -35.99 -16.85
N VAL D 29 -3.53 -36.35 -18.12
CA VAL D 29 -2.61 -37.45 -18.43
C VAL D 29 -1.19 -37.10 -18.05
N GLU D 30 -0.80 -35.82 -18.14
CA GLU D 30 0.56 -35.41 -17.81
C GLU D 30 0.74 -35.07 -16.35
N GLY D 31 -0.35 -34.95 -15.59
CA GLY D 31 -0.29 -34.63 -14.18
C GLY D 31 -0.64 -33.19 -13.83
N PHE D 32 -1.00 -32.37 -14.81
CA PHE D 32 -1.33 -30.99 -14.53
C PHE D 32 -2.73 -30.87 -13.93
N VAL D 33 -2.90 -29.86 -13.09
CA VAL D 33 -4.20 -29.49 -12.55
C VAL D 33 -4.38 -27.99 -12.76
N SER D 34 -5.63 -27.54 -12.59
CA SER D 34 -5.91 -26.12 -12.73
C SER D 34 -5.17 -25.32 -11.67
N LEU D 35 -4.41 -24.32 -12.10
CA LEU D 35 -3.67 -23.48 -11.16
C LEU D 35 -4.61 -22.71 -10.25
N ASN D 36 -5.71 -22.20 -10.82
CA ASN D 36 -6.70 -21.52 -9.99
C ASN D 36 -7.33 -22.46 -8.99
N GLU D 37 -7.65 -23.70 -9.41
CA GLU D 37 -8.20 -24.68 -8.49
C GLU D 37 -7.18 -25.10 -7.44
N LEU D 38 -5.89 -25.17 -7.80
CA LEU D 38 -4.87 -25.48 -6.81
C LEU D 38 -4.76 -24.37 -5.78
N VAL D 39 -4.84 -23.11 -6.22
CA VAL D 39 -4.80 -21.99 -5.28
C VAL D 39 -6.03 -22.01 -4.38
N ASN D 40 -7.20 -22.34 -4.94
CA ASN D 40 -8.41 -22.46 -4.13
C ASN D 40 -8.27 -23.56 -3.10
N ALA D 41 -7.69 -24.71 -3.48
CA ALA D 41 -7.48 -25.80 -2.53
C ALA D 41 -6.50 -25.41 -1.44
N LEU D 42 -5.45 -24.65 -1.80
CA LEU D 42 -4.50 -24.18 -0.81
C LEU D 42 -5.12 -23.15 0.13
N LYS D 43 -6.10 -22.39 -0.36
CA LYS D 43 -6.77 -21.42 0.51
C LYS D 43 -7.63 -22.10 1.57
N THR D 44 -8.11 -23.32 1.30
CA THR D 44 -8.90 -24.04 2.28
C THR D 44 -8.09 -24.38 3.52
N VAL D 45 -6.76 -24.30 3.43
CA VAL D 45 -5.88 -24.53 4.57
C VAL D 45 -5.15 -23.25 4.98
N TYR D 46 -4.63 -22.51 4.01
CA TYR D 46 -3.96 -21.24 4.27
C TYR D 46 -4.62 -20.14 3.45
N PRO D 47 -5.57 -19.39 4.02
CA PRO D 47 -6.30 -18.40 3.21
C PRO D 47 -5.43 -17.27 2.70
N GLU D 48 -4.32 -16.95 3.37
CA GLU D 48 -3.45 -15.85 2.97
C GLU D 48 -2.57 -16.21 1.78
N VAL D 49 -2.90 -17.25 1.03
CA VAL D 49 -2.11 -17.70 -0.11
C VAL D 49 -2.77 -17.19 -1.39
N THR D 50 -1.97 -16.57 -2.25
CA THR D 50 -2.41 -16.09 -3.55
C THR D 50 -1.62 -16.80 -4.63
N GLU D 51 -2.02 -16.55 -5.89
CA GLU D 51 -1.34 -17.19 -7.01
C GLU D 51 0.11 -16.73 -7.13
N GLU D 52 0.39 -15.48 -6.76
CA GLU D 52 1.77 -15.00 -6.79
C GLU D 52 2.65 -15.78 -5.82
N PHE D 53 2.10 -16.16 -4.67
CA PHE D 53 2.85 -16.94 -3.70
C PHE D 53 3.17 -18.33 -4.26
N VAL D 54 2.19 -18.96 -4.91
CA VAL D 54 2.42 -20.27 -5.51
C VAL D 54 3.46 -20.17 -6.63
N ARG D 55 3.38 -19.12 -7.44
CA ARG D 55 4.36 -18.95 -8.51
C ARG D 55 5.75 -18.72 -7.94
N GLU D 56 5.86 -17.96 -6.84
CA GLU D 56 7.13 -17.79 -6.16
C GLU D 56 7.68 -19.12 -5.66
N ILE D 57 6.82 -19.95 -5.07
CA ILE D 57 7.27 -21.25 -4.57
C ILE D 57 7.76 -22.11 -5.72
N VAL D 58 7.06 -22.10 -6.85
CA VAL D 58 7.46 -22.90 -7.99
C VAL D 58 8.78 -22.39 -8.56
N GLU D 59 8.96 -21.07 -8.58
CA GLU D 59 10.15 -20.49 -9.19
C GLU D 59 11.39 -20.70 -8.32
N ASN D 60 11.23 -20.62 -7.00
CA ASN D 60 12.35 -20.66 -6.07
C ASN D 60 12.54 -22.04 -5.44
N ASP D 61 11.90 -23.08 -5.97
CA ASP D 61 12.06 -24.41 -5.41
C ASP D 61 13.48 -24.91 -5.69
N PRO D 62 14.25 -25.28 -4.67
CA PRO D 62 15.62 -25.72 -4.91
C PRO D 62 15.70 -27.12 -5.49
N LYS D 63 14.67 -27.94 -5.32
CA LYS D 63 14.66 -29.31 -5.80
C LYS D 63 13.87 -29.46 -7.10
N GLY D 64 13.38 -28.36 -7.68
CA GLY D 64 12.64 -28.40 -8.92
C GLY D 64 11.45 -29.34 -8.84
N ARG D 65 10.62 -29.17 -7.82
CA ARG D 65 9.50 -30.07 -7.60
C ARG D 65 8.32 -29.80 -8.54
N TYR D 66 8.26 -28.60 -9.13
CA TYR D 66 7.05 -28.18 -9.83
C TYR D 66 7.39 -27.69 -11.23
N GLU D 67 6.37 -27.70 -12.08
CA GLU D 67 6.47 -27.21 -13.46
C GLU D 67 5.15 -26.56 -13.83
N ILE D 68 5.22 -25.43 -14.53
CA ILE D 68 4.03 -24.67 -14.89
C ILE D 68 4.01 -24.46 -16.40
N ARG D 69 2.88 -24.77 -17.01
CA ARG D 69 2.60 -24.46 -18.41
C ARG D 69 1.36 -23.58 -18.45
N GLY D 70 1.56 -22.29 -18.74
CA GLY D 70 0.46 -21.35 -18.82
C GLY D 70 -0.32 -21.22 -17.53
N ASP D 71 -1.52 -21.80 -17.50
CA ASP D 71 -2.39 -21.76 -16.33
C ASP D 71 -2.51 -23.12 -15.65
N ARG D 72 -1.61 -24.05 -15.96
CA ARG D 72 -1.61 -25.38 -15.37
C ARG D 72 -0.29 -25.64 -14.67
N ILE D 73 -0.34 -26.45 -13.63
CA ILE D 73 0.81 -26.72 -12.77
C ILE D 73 0.82 -28.20 -12.40
N ARG D 74 2.01 -28.79 -12.35
CA ARG D 74 2.15 -30.19 -12.00
C ARG D 74 3.43 -30.40 -11.21
N ALA D 75 3.51 -31.56 -10.56
CA ALA D 75 4.76 -32.03 -9.97
C ALA D 75 5.60 -32.73 -11.02
N ARG D 76 6.92 -32.65 -10.86
CA ARG D 76 7.84 -33.23 -11.84
C ARG D 76 8.24 -34.66 -11.52
N TYR D 77 8.04 -35.11 -10.28
CA TYR D 77 8.39 -36.47 -9.89
C TYR D 77 7.74 -36.78 -8.54
N GLY D 78 7.89 -38.02 -8.11
CA GLY D 78 7.40 -38.44 -6.81
C GLY D 78 5.92 -38.71 -6.72
N HIS D 79 5.26 -39.05 -7.83
CA HIS D 79 3.82 -39.28 -7.82
C HIS D 79 3.51 -40.67 -7.26
N SER D 80 2.45 -40.74 -6.45
CA SER D 80 1.94 -42.02 -5.95
C SER D 80 0.84 -42.61 -6.83
N PHE D 81 0.27 -41.82 -7.74
CA PHE D 81 -0.76 -42.28 -8.66
C PHE D 81 -0.26 -42.19 -10.09
N PRO D 82 -0.77 -43.04 -10.98
CA PRO D 82 -0.20 -43.11 -12.34
C PRO D 82 -0.36 -41.80 -13.10
N VAL D 83 0.76 -41.33 -13.66
CA VAL D 83 0.80 -40.17 -14.54
C VAL D 83 1.66 -40.53 -15.75
N SER D 84 1.24 -40.08 -16.93
CA SER D 84 1.98 -40.35 -18.15
C SER D 84 2.74 -39.09 -18.57
N LEU D 85 3.94 -38.93 -18.00
CA LEU D 85 4.77 -37.82 -18.39
C LEU D 85 5.27 -38.01 -19.82
N ASP D 86 5.73 -36.92 -20.42
CA ASP D 86 6.22 -36.88 -21.80
C ASP D 86 5.12 -37.21 -22.81
N HIS D 87 3.89 -37.39 -22.34
CA HIS D 87 2.74 -37.73 -23.19
C HIS D 87 3.01 -38.95 -24.07
N GLU D 88 3.79 -39.89 -23.55
CA GLU D 88 4.19 -41.06 -24.34
C GLU D 88 2.99 -41.98 -24.58
N GLU D 89 2.75 -42.31 -25.84
CA GLU D 89 1.64 -43.17 -26.22
C GLU D 89 2.09 -44.62 -26.27
N ASP D 90 1.15 -45.54 -26.04
CA ASP D 90 1.43 -46.97 -26.01
C ASP D 90 0.75 -47.63 -27.21
N THR D 91 1.56 -48.10 -28.17
CA THR D 91 1.04 -48.84 -29.31
C THR D 91 1.45 -50.30 -29.31
N GLU D 92 2.50 -50.67 -28.58
CA GLU D 92 3.02 -52.04 -28.59
C GLU D 92 2.34 -52.85 -27.48
N SER D 93 1.05 -53.10 -27.68
CA SER D 93 0.26 -53.87 -26.72
C SER D 93 -0.95 -54.44 -27.42
N ARG D 94 -1.21 -55.73 -27.20
CA ARG D 94 -2.39 -56.39 -27.78
C ARG D 94 -3.44 -56.77 -26.75
N PHE D 95 -3.08 -56.90 -25.48
CA PHE D 95 -4.01 -57.26 -24.43
C PHE D 95 -3.65 -56.53 -23.14
N LEU D 96 -4.65 -55.96 -22.48
CA LEU D 96 -4.49 -55.36 -21.16
C LEU D 96 -5.32 -56.15 -20.17
N TYR D 97 -5.07 -55.92 -18.88
CA TYR D 97 -5.72 -56.69 -17.85
C TYR D 97 -6.16 -55.78 -16.72
N HIS D 98 -7.25 -56.17 -16.05
CA HIS D 98 -7.75 -55.38 -14.93
C HIS D 98 -8.37 -56.32 -13.91
N GLY D 99 -7.97 -56.18 -12.65
CA GLY D 99 -8.53 -56.99 -11.57
C GLY D 99 -9.65 -56.23 -10.89
N THR D 100 -10.76 -56.93 -10.66
CA THR D 100 -11.91 -56.26 -10.04
C THR D 100 -12.67 -57.22 -9.14
N PRO D 101 -13.21 -56.74 -8.02
CA PRO D 101 -14.04 -57.61 -7.17
C PRO D 101 -15.30 -58.04 -7.91
N ARG D 102 -15.84 -59.18 -7.48
CA ARG D 102 -17.01 -59.72 -8.16
C ARG D 102 -18.26 -58.89 -7.92
N ARG D 103 -18.30 -58.13 -6.82
CA ARG D 103 -19.48 -57.33 -6.52
C ARG D 103 -19.72 -56.27 -7.60
N ASN D 104 -18.65 -55.66 -8.09
CA ASN D 104 -18.77 -54.68 -9.16
C ASN D 104 -18.80 -55.31 -10.55
N LEU D 105 -18.76 -56.65 -10.63
CA LEU D 105 -18.68 -57.31 -11.93
C LEU D 105 -19.85 -56.99 -12.85
N PRO D 106 -21.12 -57.10 -12.43
CA PRO D 106 -22.21 -56.86 -13.39
C PRO D 106 -22.28 -55.43 -13.90
N SER D 107 -22.01 -54.45 -13.04
CA SER D 107 -22.09 -53.05 -13.47
C SER D 107 -21.07 -52.74 -14.56
N ILE D 108 -19.81 -53.14 -14.34
CA ILE D 108 -18.77 -52.83 -15.32
C ILE D 108 -19.10 -53.47 -16.66
N LEU D 109 -19.34 -54.78 -16.67
CA LEU D 109 -19.71 -55.49 -17.89
C LEU D 109 -20.92 -54.87 -18.57
N LYS D 110 -21.76 -54.15 -17.83
CA LYS D 110 -22.91 -53.52 -18.45
C LYS D 110 -22.59 -52.14 -19.01
N GLU D 111 -21.72 -51.37 -18.33
CA GLU D 111 -21.49 -49.99 -18.71
C GLU D 111 -20.02 -49.62 -18.91
N GLY D 112 -19.10 -50.58 -18.73
CA GLY D 112 -17.70 -50.31 -18.95
C GLY D 112 -17.04 -49.59 -17.79
N LEU D 113 -15.73 -49.35 -17.95
CA LEU D 113 -14.96 -48.64 -16.94
C LEU D 113 -15.11 -47.14 -17.14
N LYS D 114 -15.52 -46.45 -16.09
CA LYS D 114 -15.75 -45.02 -16.24
C LYS D 114 -14.75 -44.22 -15.40
N PRO D 115 -14.33 -43.05 -15.86
CA PRO D 115 -13.42 -42.22 -15.06
C PRO D 115 -14.16 -41.54 -13.91
N MET D 116 -14.19 -42.19 -12.76
CA MET D 116 -14.80 -41.61 -11.57
C MET D 116 -13.83 -40.70 -10.83
N LYS D 117 -12.95 -41.30 -10.01
CA LYS D 117 -11.99 -40.60 -9.18
C LYS D 117 -11.28 -39.46 -9.91
N ARG D 118 -10.54 -39.80 -10.96
CA ARG D 118 -9.77 -38.82 -11.73
C ARG D 118 -10.27 -38.81 -13.18
N GLN D 119 -9.52 -38.10 -14.03
CA GLN D 119 -9.84 -38.03 -15.45
C GLN D 119 -9.62 -39.34 -16.19
N TYR D 120 -8.81 -40.26 -15.66
CA TYR D 120 -8.44 -41.46 -16.42
C TYR D 120 -8.68 -42.71 -15.58
N VAL D 121 -8.36 -43.85 -16.19
CA VAL D 121 -8.58 -45.18 -15.64
C VAL D 121 -7.28 -45.97 -15.79
N HIS D 122 -6.87 -46.64 -14.71
CA HIS D 122 -5.61 -47.37 -14.66
C HIS D 122 -5.82 -48.83 -15.06
N VAL D 123 -4.94 -49.33 -15.93
CA VAL D 123 -4.90 -50.75 -16.29
C VAL D 123 -3.44 -51.18 -16.29
N SER D 124 -3.23 -52.49 -16.48
CA SER D 124 -1.89 -53.05 -16.43
C SER D 124 -1.68 -54.04 -17.56
N THR D 125 -0.45 -54.13 -18.03
CA THR D 125 -0.05 -55.09 -19.05
C THR D 125 0.31 -56.46 -18.45
N ASP D 126 0.24 -56.61 -17.14
CA ASP D 126 0.57 -57.87 -16.46
C ASP D 126 -0.65 -58.37 -15.71
N LYS D 127 -0.81 -59.70 -15.70
CA LYS D 127 -1.96 -60.30 -15.03
C LYS D 127 -1.78 -60.29 -13.51
N ILE D 128 -0.61 -60.70 -13.03
CA ILE D 128 -0.36 -60.80 -11.60
C ILE D 128 -0.50 -59.44 -10.93
N GLU D 129 0.04 -58.40 -11.55
CA GLU D 129 -0.01 -57.06 -10.96
C GLU D 129 -1.45 -56.56 -10.84
N ALA D 130 -2.25 -56.75 -11.89
CA ALA D 130 -3.64 -56.35 -11.84
C ALA D 130 -4.41 -57.17 -10.81
N LEU D 131 -4.11 -58.46 -10.70
CA LEU D 131 -4.79 -59.30 -9.73
C LEU D 131 -4.48 -58.86 -8.31
N GLU D 132 -3.23 -58.50 -8.03
CA GLU D 132 -2.89 -58.04 -6.69
C GLU D 132 -3.47 -56.65 -6.41
N THR D 133 -3.54 -55.79 -7.44
CA THR D 133 -4.16 -54.49 -7.25
C THR D 133 -5.64 -54.64 -6.93
N GLY D 134 -6.31 -55.59 -7.57
CA GLY D 134 -7.71 -55.84 -7.23
C GLY D 134 -7.88 -56.55 -5.91
N ARG D 135 -6.90 -57.38 -5.52
CA ARG D 135 -6.96 -58.05 -4.24
C ARG D 135 -6.76 -57.08 -3.07
N ARG D 136 -6.07 -55.97 -3.31
CA ARG D 136 -5.98 -54.95 -2.26
C ARG D 136 -7.30 -54.18 -2.10
N HIS D 137 -8.13 -54.16 -3.14
CA HIS D 137 -9.41 -53.46 -3.12
C HIS D 137 -10.58 -54.40 -2.81
N GLY D 138 -10.33 -55.44 -2.00
CA GLY D 138 -11.33 -56.41 -1.63
C GLY D 138 -11.00 -57.80 -2.16
N ARG D 139 -11.88 -58.74 -1.83
CA ARG D 139 -11.75 -60.13 -2.24
C ARG D 139 -12.69 -60.44 -3.41
N GLU D 140 -12.79 -61.72 -3.75
CA GLU D 140 -13.57 -62.19 -4.89
C GLU D 140 -13.15 -61.47 -6.18
N VAL D 141 -11.86 -61.56 -6.47
CA VAL D 141 -11.26 -60.80 -7.57
C VAL D 141 -11.27 -61.65 -8.83
N VAL D 142 -11.74 -61.05 -9.92
CA VAL D 142 -11.73 -61.66 -11.25
C VAL D 142 -10.89 -60.80 -12.16
N LEU D 143 -10.40 -61.42 -13.24
CA LEU D 143 -9.50 -60.78 -14.20
C LEU D 143 -10.28 -60.50 -15.48
N LEU D 144 -10.47 -59.22 -15.79
CA LEU D 144 -11.06 -58.78 -17.06
C LEU D 144 -9.95 -58.53 -18.06
N VAL D 145 -10.02 -59.20 -19.21
CA VAL D 145 -9.10 -58.97 -20.32
C VAL D 145 -9.69 -57.93 -21.24
N ILE D 146 -8.87 -56.95 -21.63
CA ILE D 146 -9.32 -55.81 -22.43
C ILE D 146 -8.53 -55.79 -23.73
N ASP D 147 -9.23 -55.67 -24.85
CA ASP D 147 -8.61 -55.57 -26.16
C ASP D 147 -8.08 -54.16 -26.38
N ALA D 148 -6.78 -54.04 -26.63
CA ALA D 148 -6.17 -52.72 -26.80
C ALA D 148 -6.51 -52.14 -28.18
N GLU D 149 -6.52 -52.98 -29.21
CA GLU D 149 -6.88 -52.51 -30.54
C GLU D 149 -8.34 -52.09 -30.59
N CYS D 150 -9.16 -52.72 -29.75
CA CYS D 150 -10.56 -52.26 -29.68
C CYS D 150 -10.54 -50.80 -29.23
N LEU D 151 -9.86 -50.53 -28.11
CA LEU D 151 -9.80 -49.17 -27.58
C LEU D 151 -9.25 -48.20 -28.63
N ARG D 152 -8.20 -48.60 -29.36
CA ARG D 152 -7.61 -47.71 -30.34
C ARG D 152 -8.56 -47.44 -31.50
N LYS D 153 -9.23 -48.47 -32.00
CA LYS D 153 -10.19 -48.30 -33.08
C LYS D 153 -11.43 -47.54 -32.62
N ARG D 154 -11.74 -47.57 -31.33
CA ARG D 154 -12.88 -46.82 -30.80
C ARG D 154 -12.53 -45.38 -30.46
N GLY D 155 -11.28 -44.98 -30.65
CA GLY D 155 -10.87 -43.61 -30.43
C GLY D 155 -10.23 -43.32 -29.09
N PHE D 156 -9.55 -44.28 -28.48
CA PHE D 156 -8.91 -44.11 -27.18
C PHE D 156 -7.42 -44.41 -27.31
N LYS D 157 -6.59 -43.41 -27.04
CA LYS D 157 -5.14 -43.58 -27.11
C LYS D 157 -4.61 -44.04 -25.77
N ILE D 158 -3.76 -45.07 -25.79
CA ILE D 158 -3.20 -45.64 -24.58
C ILE D 158 -1.85 -44.99 -24.30
N TYR D 159 -1.67 -44.49 -23.08
CA TYR D 159 -0.46 -43.81 -22.68
C TYR D 159 0.26 -44.59 -21.59
N LYS D 160 1.59 -44.53 -21.61
CA LYS D 160 2.42 -45.22 -20.64
C LYS D 160 2.64 -44.32 -19.42
N ALA D 161 2.19 -44.80 -18.26
CA ALA D 161 2.36 -44.08 -17.00
C ALA D 161 3.45 -44.67 -16.12
N GLY D 162 3.55 -45.99 -16.07
CA GLY D 162 4.61 -46.65 -15.32
C GLY D 162 5.36 -47.68 -16.15
N LYS D 163 5.97 -48.67 -15.50
CA LYS D 163 6.65 -49.73 -16.23
C LYS D 163 5.63 -50.63 -16.94
N ASN D 164 4.72 -51.23 -16.18
CA ASN D 164 3.65 -52.04 -16.75
C ASN D 164 2.28 -51.41 -16.51
N VAL D 165 2.23 -50.11 -16.24
CA VAL D 165 1.00 -49.39 -15.93
C VAL D 165 0.61 -48.56 -17.16
N ARG D 166 -0.67 -48.60 -17.52
CA ARG D 166 -1.21 -47.79 -18.59
C ARG D 166 -2.45 -47.06 -18.08
N ILE D 167 -2.79 -45.96 -18.74
CA ILE D 167 -3.96 -45.17 -18.36
C ILE D 167 -4.72 -44.78 -19.62
N VAL D 168 -6.03 -44.96 -19.59
CA VAL D 168 -6.90 -44.58 -20.70
C VAL D 168 -7.99 -43.67 -20.15
N GLU D 169 -8.79 -43.11 -21.06
CA GLU D 169 -9.95 -42.33 -20.62
C GLU D 169 -11.11 -43.22 -20.21
N ARG D 170 -11.64 -44.00 -21.14
CA ARG D 170 -12.76 -44.88 -20.86
C ARG D 170 -12.50 -46.23 -21.51
N VAL D 171 -13.25 -47.23 -21.06
CA VAL D 171 -13.22 -48.55 -21.68
C VAL D 171 -14.66 -48.94 -22.00
N PRO D 172 -15.07 -48.92 -23.26
CA PRO D 172 -16.46 -49.24 -23.60
C PRO D 172 -16.79 -50.68 -23.24
N PRO D 173 -18.07 -50.99 -23.03
CA PRO D 173 -18.43 -52.37 -22.65
C PRO D 173 -18.11 -53.40 -23.71
N ASP D 174 -17.97 -52.93 -24.95
CA ASP D 174 -17.69 -53.86 -26.09
C ASP D 174 -16.21 -54.26 -26.05
N CYS D 175 -15.37 -53.42 -25.45
CA CYS D 175 -13.91 -53.71 -25.46
C CYS D 175 -13.52 -54.51 -24.21
N ILE D 176 -14.51 -54.90 -23.40
CA ILE D 176 -14.23 -55.65 -22.15
C ILE D 176 -14.50 -57.15 -22.40
N THR D 177 -13.47 -57.97 -22.26
CA THR D 177 -13.66 -59.41 -22.42
C THR D 177 -13.57 -60.11 -21.07
N LEU D 178 -13.98 -61.38 -21.04
CA LEU D 178 -13.98 -62.21 -19.85
C LEU D 178 -14.74 -61.55 -18.69
#